data_1S24
#
_entry.id   1S24
#
loop_
_entity.id
_entity.type
_entity.pdbx_description
1 polymer 'Rubredoxin 2'
2 non-polymer 'CADMIUM ION'
#
_entity_poly.entity_id   1
_entity_poly.type   'polypeptide(L)'
_entity_poly.pdbx_seq_one_letter_code
;PTSLEKLPSADVKGQDLYKTQPPRSDAQGGKAYLKWICITCGHIYDEALGDEAEGFTPGTRFEDIPDDWCCPDCGATKED
YVLYEEK
;
_entity_poly.pdbx_strand_id   A
#
loop_
_chem_comp.id
_chem_comp.type
_chem_comp.name
_chem_comp.formula
CD non-polymer 'CADMIUM ION' 'Cd 2'
#
# COMPACT_ATOMS: atom_id res chain seq x y z
N ALA A 32 3.44 12.20 9.26
CA ALA A 32 3.03 10.89 9.83
C ALA A 32 2.60 9.93 8.71
N TYR A 33 3.54 9.31 8.06
CA TYR A 33 3.18 8.37 6.96
C TYR A 33 2.30 7.23 7.49
N LEU A 34 1.22 6.95 6.84
CA LEU A 34 0.32 5.86 7.30
C LEU A 34 0.69 4.54 6.62
N LYS A 35 0.15 3.45 7.08
CA LYS A 35 0.49 2.14 6.45
C LYS A 35 -0.80 1.36 6.14
N TRP A 36 -0.74 0.47 5.17
CA TRP A 36 -1.96 -0.30 4.81
C TRP A 36 -1.66 -1.80 4.78
N ILE A 37 -2.52 -2.61 5.33
CA ILE A 37 -2.27 -4.08 5.30
C ILE A 37 -3.23 -4.77 4.34
N CYS A 38 -2.72 -5.55 3.44
CA CYS A 38 -3.60 -6.28 2.48
C CYS A 38 -4.30 -7.43 3.19
N ILE A 39 -5.53 -7.25 3.58
CA ILE A 39 -6.25 -8.35 4.28
C ILE A 39 -6.26 -9.62 3.43
N THR A 40 -6.03 -9.49 2.14
CA THR A 40 -6.03 -10.68 1.26
C THR A 40 -4.87 -11.61 1.60
N CYS A 41 -3.72 -11.07 1.94
CA CYS A 41 -2.56 -11.93 2.26
C CYS A 41 -1.93 -11.53 3.60
N GLY A 42 -1.92 -10.26 3.92
CA GLY A 42 -1.32 -9.82 5.21
C GLY A 42 -0.02 -9.05 4.94
N HIS A 43 0.00 -8.26 3.90
CA HIS A 43 1.23 -7.47 3.60
C HIS A 43 1.03 -6.00 4.01
N ILE A 44 1.95 -5.46 4.77
CA ILE A 44 1.79 -4.04 5.21
C ILE A 44 2.50 -3.09 4.24
N TYR A 45 1.92 -1.95 4.01
CA TYR A 45 2.53 -0.95 3.11
C TYR A 45 3.05 0.23 3.92
N ASP A 46 4.27 0.64 3.68
CA ASP A 46 4.83 1.80 4.43
C ASP A 46 4.89 3.02 3.52
N GLU A 47 4.04 3.99 3.73
CA GLU A 47 4.05 5.19 2.86
C GLU A 47 5.47 5.77 2.74
N ALA A 48 6.30 5.51 3.71
CA ALA A 48 7.70 6.02 3.64
C ALA A 48 8.61 4.99 2.98
N LEU A 49 8.05 3.98 2.35
CA LEU A 49 8.89 2.94 1.69
C LEU A 49 7.99 1.94 0.96
N GLY A 50 7.24 2.39 -0.01
CA GLY A 50 6.33 1.47 -0.75
C GLY A 50 7.14 0.48 -1.58
N ASP A 51 6.76 0.28 -2.81
CA ASP A 51 7.49 -0.68 -3.67
C ASP A 51 8.75 -0.05 -4.24
N GLU A 52 9.75 -0.85 -4.50
CA GLU A 52 11.02 -0.29 -5.08
C GLU A 52 11.11 -0.64 -6.57
N ALA A 53 10.46 -1.70 -6.97
CA ALA A 53 10.51 -2.11 -8.40
C ALA A 53 9.57 -1.24 -9.23
N GLU A 54 8.39 -0.99 -8.74
CA GLU A 54 7.43 -0.14 -9.50
C GLU A 54 7.91 1.32 -9.50
N GLY A 55 8.35 1.80 -8.37
CA GLY A 55 8.85 3.20 -8.32
C GLY A 55 8.11 3.98 -7.22
N PHE A 56 7.68 3.33 -6.18
CA PHE A 56 6.96 4.05 -5.08
C PHE A 56 7.96 4.89 -4.28
N THR A 57 8.30 6.04 -4.78
CA THR A 57 9.28 6.91 -4.07
C THR A 57 8.89 7.07 -2.59
N PRO A 58 9.89 7.27 -1.76
CA PRO A 58 9.64 7.43 -0.31
C PRO A 58 8.78 8.67 -0.06
N GLY A 59 7.49 8.50 0.06
CA GLY A 59 6.60 9.67 0.30
C GLY A 59 5.36 9.56 -0.60
N THR A 60 4.81 8.38 -0.72
CA THR A 60 3.61 8.21 -1.59
C THR A 60 2.43 7.72 -0.74
N ARG A 61 1.50 8.59 -0.44
CA ARG A 61 0.34 8.18 0.39
C ARG A 61 -0.65 7.35 -0.43
N PHE A 62 -1.22 6.34 0.16
CA PHE A 62 -2.20 5.49 -0.57
C PHE A 62 -3.28 6.36 -1.23
N GLU A 63 -3.58 7.48 -0.63
CA GLU A 63 -4.62 8.39 -1.21
C GLU A 63 -4.30 8.70 -2.66
N ASP A 64 -3.10 9.14 -2.93
CA ASP A 64 -2.72 9.46 -4.33
C ASP A 64 -2.51 8.19 -5.15
N ILE A 65 -2.62 7.04 -4.55
CA ILE A 65 -2.41 5.77 -5.31
C ILE A 65 -3.76 5.11 -5.61
N PRO A 66 -4.33 5.44 -6.74
CA PRO A 66 -5.63 4.86 -7.15
C PRO A 66 -5.52 3.35 -7.31
N ASP A 67 -6.47 2.74 -7.96
CA ASP A 67 -6.41 1.26 -8.15
C ASP A 67 -5.28 0.87 -9.11
N ASP A 68 -4.77 1.82 -9.84
CA ASP A 68 -3.66 1.49 -10.79
C ASP A 68 -2.55 0.70 -10.09
N TRP A 69 -2.38 0.92 -8.81
CA TRP A 69 -1.33 0.17 -8.08
C TRP A 69 -1.90 -1.13 -7.52
N CYS A 70 -1.13 -2.19 -7.55
CA CYS A 70 -1.63 -3.49 -7.03
C CYS A 70 -0.71 -4.00 -5.91
N CYS A 71 -0.91 -5.22 -5.48
CA CYS A 71 -0.06 -5.77 -4.39
C CYS A 71 1.20 -6.43 -4.99
N PRO A 72 2.33 -6.16 -4.40
CA PRO A 72 3.60 -6.75 -4.90
C PRO A 72 3.66 -8.26 -4.59
N ASP A 73 2.79 -8.74 -3.73
CA ASP A 73 2.82 -10.18 -3.38
C ASP A 73 1.62 -10.91 -3.99
N CYS A 74 0.55 -10.21 -4.24
CA CYS A 74 -0.65 -10.89 -4.82
C CYS A 74 -0.89 -10.41 -6.25
N GLY A 75 -1.38 -9.23 -6.42
CA GLY A 75 -1.65 -8.71 -7.79
C GLY A 75 -3.13 -8.36 -7.93
N ALA A 76 -3.72 -7.84 -6.88
CA ALA A 76 -5.17 -7.48 -6.94
C ALA A 76 -5.33 -5.95 -6.95
N THR A 77 -6.54 -5.49 -6.80
CA THR A 77 -6.77 -4.01 -6.81
C THR A 77 -6.40 -3.42 -5.44
N LYS A 78 -6.78 -2.19 -5.19
CA LYS A 78 -6.47 -1.56 -3.89
C LYS A 78 -7.50 -1.95 -2.83
N GLU A 79 -8.62 -2.46 -3.24
CA GLU A 79 -9.68 -2.85 -2.26
C GLU A 79 -9.14 -3.89 -1.28
N ASP A 80 -8.11 -4.61 -1.66
CA ASP A 80 -7.53 -5.64 -0.76
C ASP A 80 -6.72 -4.98 0.36
N TYR A 81 -6.34 -3.74 0.18
CA TYR A 81 -5.52 -3.05 1.21
C TYR A 81 -6.39 -2.21 2.13
N VAL A 82 -6.17 -2.30 3.42
CA VAL A 82 -6.97 -1.48 4.37
C VAL A 82 -6.04 -0.65 5.27
N LEU A 83 -6.58 0.25 6.04
CA LEU A 83 -5.72 1.08 6.92
C LEU A 83 -5.42 0.36 8.24
N TYR A 84 -4.17 0.31 8.62
CA TYR A 84 -3.80 -0.38 9.88
C TYR A 84 -3.96 0.58 11.07
N GLU A 85 -4.89 0.31 11.94
CA GLU A 85 -5.09 1.20 13.12
C GLU A 85 -5.29 2.64 12.67
N GLU A 86 -5.62 3.52 13.58
CA GLU A 86 -5.82 4.95 13.22
C GLU A 86 -6.72 5.09 11.99
N LYS A 87 -7.89 4.54 12.03
CA LYS A 87 -8.81 4.64 10.86
C LYS A 87 -9.76 5.83 11.02
CD CD B . -1.90 -8.88 -1.11
N ALA A 32 5.10 11.65 9.47
CA ALA A 32 3.61 11.63 9.33
C ALA A 32 3.21 10.86 8.07
N TYR A 33 2.95 9.59 8.20
CA TYR A 33 2.55 8.78 7.02
C TYR A 33 1.57 7.68 7.42
N LEU A 34 0.54 7.47 6.64
CA LEU A 34 -0.46 6.43 6.98
C LEU A 34 0.10 5.04 6.66
N LYS A 35 -0.50 4.01 7.21
CA LYS A 35 -0.01 2.63 6.94
C LYS A 35 -1.18 1.71 6.62
N TRP A 36 -1.06 0.90 5.60
CA TRP A 36 -2.17 -0.02 5.25
C TRP A 36 -1.74 -1.47 5.43
N ILE A 37 -2.61 -2.40 5.11
CA ILE A 37 -2.23 -3.83 5.25
C ILE A 37 -3.18 -4.69 4.41
N CYS A 38 -2.65 -5.50 3.53
CA CYS A 38 -3.51 -6.36 2.68
C CYS A 38 -4.16 -7.45 3.52
N ILE A 39 -5.41 -7.26 3.89
CA ILE A 39 -6.11 -8.31 4.69
C ILE A 39 -6.02 -9.66 3.98
N THR A 40 -5.81 -9.65 2.69
CA THR A 40 -5.71 -10.93 1.93
C THR A 40 -4.31 -11.54 2.10
N CYS A 41 -3.31 -10.71 2.30
CA CYS A 41 -1.93 -11.24 2.45
C CYS A 41 -1.45 -11.06 3.90
N GLY A 42 -1.52 -9.87 4.41
CA GLY A 42 -1.07 -9.64 5.82
C GLY A 42 0.09 -8.64 5.85
N HIS A 43 0.66 -8.32 4.70
CA HIS A 43 1.79 -7.35 4.68
C HIS A 43 1.28 -5.92 4.88
N ILE A 44 1.98 -5.14 5.65
CA ILE A 44 1.55 -3.74 5.90
C ILE A 44 2.30 -2.77 4.97
N TYR A 45 1.60 -1.83 4.40
CA TYR A 45 2.27 -0.85 3.50
C TYR A 45 2.70 0.38 4.28
N ASP A 46 3.86 0.89 4.00
CA ASP A 46 4.35 2.11 4.70
C ASP A 46 4.43 3.28 3.74
N GLU A 47 3.54 4.24 3.87
CA GLU A 47 3.56 5.41 2.95
C GLU A 47 4.96 6.02 2.88
N ALA A 48 5.76 5.82 3.89
CA ALA A 48 7.14 6.38 3.86
C ALA A 48 8.12 5.38 3.25
N LEU A 49 7.61 4.38 2.56
CA LEU A 49 8.50 3.37 1.93
C LEU A 49 7.67 2.37 1.13
N GLY A 50 7.11 2.81 0.03
CA GLY A 50 6.25 1.89 -0.78
C GLY A 50 7.12 0.81 -1.43
N ASP A 51 6.87 0.51 -2.68
CA ASP A 51 7.65 -0.55 -3.37
C ASP A 51 8.93 0.04 -3.98
N GLU A 52 9.96 -0.75 -4.07
CA GLU A 52 11.23 -0.24 -4.68
C GLU A 52 11.31 -0.65 -6.15
N ALA A 53 10.74 -1.77 -6.48
CA ALA A 53 10.77 -2.22 -7.91
C ALA A 53 9.80 -1.39 -8.75
N GLU A 54 8.60 -1.18 -8.26
CA GLU A 54 7.63 -0.38 -9.03
C GLU A 54 8.13 1.05 -9.21
N GLY A 55 8.74 1.61 -8.20
CA GLY A 55 9.26 3.00 -8.32
C GLY A 55 8.53 3.90 -7.32
N PHE A 56 7.98 3.35 -6.28
CA PHE A 56 7.26 4.19 -5.29
C PHE A 56 8.25 5.11 -4.57
N THR A 57 8.57 6.23 -5.17
CA THR A 57 9.53 7.17 -4.54
C THR A 57 9.16 7.45 -3.08
N PRO A 58 10.16 7.77 -2.27
CA PRO A 58 9.92 8.05 -0.84
C PRO A 58 8.92 9.21 -0.69
N GLY A 59 7.72 8.91 -0.29
CA GLY A 59 6.70 9.99 -0.12
C GLY A 59 5.46 9.65 -0.94
N THR A 60 5.07 8.40 -0.97
CA THR A 60 3.87 8.01 -1.75
C THR A 60 2.73 7.64 -0.81
N ARG A 61 1.54 8.12 -1.08
CA ARG A 61 0.38 7.80 -0.19
C ARG A 61 -0.69 7.04 -0.98
N PHE A 62 -1.31 6.08 -0.37
CA PHE A 62 -2.37 5.29 -1.08
C PHE A 62 -3.37 6.23 -1.77
N GLU A 63 -3.68 7.35 -1.15
CA GLU A 63 -4.65 8.30 -1.76
C GLU A 63 -4.15 8.71 -3.15
N ASP A 64 -2.86 8.83 -3.31
CA ASP A 64 -2.32 9.23 -4.64
C ASP A 64 -2.10 8.00 -5.51
N ILE A 65 -1.96 6.84 -4.91
CA ILE A 65 -1.75 5.61 -5.72
C ILE A 65 -2.94 5.40 -6.68
N PRO A 66 -2.70 5.58 -7.95
CA PRO A 66 -3.79 5.42 -8.95
C PRO A 66 -4.31 3.99 -8.93
N ASP A 67 -5.00 3.59 -9.97
CA ASP A 67 -5.53 2.20 -10.03
C ASP A 67 -4.50 1.25 -10.65
N ASP A 68 -3.61 1.76 -11.46
CA ASP A 68 -2.59 0.91 -12.09
C ASP A 68 -1.80 0.14 -11.02
N TRP A 69 -1.65 0.72 -9.86
CA TRP A 69 -0.89 0.03 -8.78
C TRP A 69 -1.74 -1.08 -8.15
N CYS A 70 -1.14 -1.91 -7.35
CA CYS A 70 -1.91 -3.01 -6.69
C CYS A 70 -1.02 -3.74 -5.69
N CYS A 71 -1.40 -4.94 -5.32
CA CYS A 71 -0.58 -5.70 -4.35
C CYS A 71 0.67 -6.27 -5.03
N PRO A 72 1.77 -6.29 -4.32
CA PRO A 72 3.04 -6.81 -4.90
C PRO A 72 3.02 -8.33 -5.01
N ASP A 73 2.03 -8.98 -4.46
CA ASP A 73 2.00 -10.48 -4.53
C ASP A 73 0.68 -10.97 -5.13
N CYS A 74 -0.39 -10.26 -4.91
CA CYS A 74 -1.70 -10.71 -5.46
C CYS A 74 -1.95 -10.06 -6.83
N GLY A 75 -2.19 -8.78 -6.85
CA GLY A 75 -2.45 -8.09 -8.15
C GLY A 75 -3.90 -7.63 -8.18
N ALA A 76 -4.50 -7.42 -7.04
CA ALA A 76 -5.93 -6.98 -7.02
C ALA A 76 -6.02 -5.49 -6.68
N THR A 77 -7.20 -4.93 -6.74
CA THR A 77 -7.37 -3.49 -6.43
C THR A 77 -7.08 -3.23 -4.95
N LYS A 78 -7.51 -2.10 -4.44
CA LYS A 78 -7.27 -1.80 -3.00
C LYS A 78 -8.26 -2.55 -2.11
N GLU A 79 -9.18 -3.28 -2.69
CA GLU A 79 -10.17 -4.03 -1.87
C GLU A 79 -9.45 -4.87 -0.81
N ASP A 80 -8.41 -5.56 -1.20
CA ASP A 80 -7.66 -6.39 -0.21
C ASP A 80 -6.85 -5.50 0.72
N TYR A 81 -6.58 -4.28 0.32
CA TYR A 81 -5.79 -3.37 1.18
C TYR A 81 -6.71 -2.56 2.09
N VAL A 82 -6.42 -2.54 3.37
CA VAL A 82 -7.28 -1.77 4.31
C VAL A 82 -6.42 -0.83 5.16
N LEU A 83 -7.01 0.18 5.74
CA LEU A 83 -6.21 1.13 6.57
C LEU A 83 -5.85 0.48 7.90
N TYR A 84 -4.58 0.33 8.17
CA TYR A 84 -4.15 -0.31 9.45
C TYR A 84 -4.45 0.61 10.64
N GLU A 85 -5.10 0.08 11.65
CA GLU A 85 -5.43 0.92 12.83
C GLU A 85 -4.54 0.51 14.02
N GLU A 86 -3.79 1.44 14.56
CA GLU A 86 -2.91 1.10 15.71
C GLU A 86 -3.74 0.80 16.95
N LYS A 87 -3.63 -0.39 17.47
CA LYS A 87 -4.42 -0.75 18.69
C LYS A 87 -3.78 -1.94 19.41
CD CD B . -2.27 -9.32 -1.30
N ALA A 32 2.41 11.64 9.99
CA ALA A 32 2.80 12.19 8.66
C ALA A 32 2.48 11.20 7.54
N TYR A 33 3.05 10.02 7.60
CA TYR A 33 2.79 9.01 6.54
C TYR A 33 1.82 7.94 7.05
N LEU A 34 0.85 7.59 6.26
CA LEU A 34 -0.11 6.55 6.69
C LEU A 34 0.34 5.17 6.22
N LYS A 35 -0.19 4.12 6.80
CA LYS A 35 0.19 2.75 6.36
C LYS A 35 -1.05 1.89 6.17
N TRP A 36 -1.03 0.99 5.24
CA TRP A 36 -2.21 0.13 5.00
C TRP A 36 -1.84 -1.33 5.20
N ILE A 37 -2.75 -2.22 4.96
CA ILE A 37 -2.42 -3.67 5.12
C ILE A 37 -3.30 -4.52 4.20
N CYS A 38 -2.70 -5.39 3.44
CA CYS A 38 -3.49 -6.26 2.54
C CYS A 38 -4.16 -7.37 3.36
N ILE A 39 -5.37 -7.15 3.80
CA ILE A 39 -6.07 -8.20 4.59
C ILE A 39 -6.04 -9.53 3.83
N THR A 40 -5.88 -9.48 2.53
CA THR A 40 -5.81 -10.71 1.72
C THR A 40 -4.51 -11.47 2.01
N CYS A 41 -3.49 -10.78 2.42
CA CYS A 41 -2.19 -11.46 2.69
C CYS A 41 -1.69 -11.15 4.12
N GLY A 42 -1.65 -9.91 4.49
CA GLY A 42 -1.15 -9.56 5.85
C GLY A 42 0.08 -8.65 5.74
N HIS A 43 0.35 -8.11 4.57
CA HIS A 43 1.54 -7.23 4.41
C HIS A 43 1.13 -5.77 4.62
N ILE A 44 1.79 -5.08 5.51
CA ILE A 44 1.43 -3.66 5.77
C ILE A 44 2.22 -2.73 4.83
N TYR A 45 1.58 -1.70 4.35
CA TYR A 45 2.26 -0.74 3.44
C TYR A 45 2.64 0.53 4.20
N ASP A 46 3.73 1.14 3.81
CA ASP A 46 4.16 2.40 4.47
C ASP A 46 4.32 3.51 3.43
N GLU A 47 3.41 4.45 3.42
CA GLU A 47 3.50 5.56 2.41
C GLU A 47 4.89 6.18 2.44
N ALA A 48 5.60 6.07 3.53
CA ALA A 48 6.97 6.63 3.61
C ALA A 48 8.00 5.57 3.24
N LEU A 49 7.58 4.54 2.55
CA LEU A 49 8.54 3.46 2.16
C LEU A 49 7.82 2.42 1.30
N GLY A 50 7.38 2.80 0.13
CA GLY A 50 6.66 1.85 -0.75
C GLY A 50 7.64 0.82 -1.32
N ASP A 51 7.45 0.44 -2.56
CA ASP A 51 8.35 -0.56 -3.17
C ASP A 51 9.35 0.11 -4.12
N GLU A 52 10.31 -0.63 -4.61
CA GLU A 52 11.30 -0.02 -5.54
C GLU A 52 11.04 -0.51 -6.97
N ALA A 53 10.62 -1.74 -7.12
CA ALA A 53 10.34 -2.28 -8.49
C ALA A 53 9.15 -1.54 -9.11
N GLU A 54 8.12 -1.29 -8.33
CA GLU A 54 6.94 -0.58 -8.87
C GLU A 54 7.24 0.92 -9.06
N GLY A 55 8.41 1.37 -8.69
CA GLY A 55 8.74 2.81 -8.85
C GLY A 55 8.06 3.60 -7.74
N PHE A 56 7.76 2.98 -6.63
CA PHE A 56 7.10 3.70 -5.52
C PHE A 56 8.13 4.47 -4.70
N THR A 57 8.55 5.61 -5.17
CA THR A 57 9.57 6.40 -4.44
C THR A 57 9.19 6.55 -2.96
N PRO A 58 10.19 6.69 -2.12
CA PRO A 58 9.95 6.86 -0.67
C PRO A 58 9.11 8.10 -0.41
N GLY A 59 7.91 7.94 0.09
CA GLY A 59 7.05 9.12 0.38
C GLY A 59 5.77 9.05 -0.48
N THR A 60 5.47 7.90 -1.04
CA THR A 60 4.24 7.78 -1.88
C THR A 60 3.04 7.48 -0.99
N ARG A 61 2.08 8.38 -0.96
CA ARG A 61 0.88 8.14 -0.11
C ARG A 61 -0.21 7.41 -0.90
N PHE A 62 -0.90 6.50 -0.28
CA PHE A 62 -1.98 5.76 -0.99
C PHE A 62 -3.04 6.74 -1.49
N GLU A 63 -3.30 7.78 -0.74
CA GLU A 63 -4.33 8.77 -1.18
C GLU A 63 -4.04 9.24 -2.60
N ASP A 64 -2.80 9.27 -2.99
CA ASP A 64 -2.46 9.72 -4.38
C ASP A 64 -2.19 8.50 -5.27
N ILE A 65 -2.64 7.34 -4.87
CA ILE A 65 -2.41 6.13 -5.69
C ILE A 65 -3.75 5.56 -6.18
N PRO A 66 -4.04 5.78 -7.45
CA PRO A 66 -5.33 5.28 -8.02
C PRO A 66 -5.42 3.76 -7.87
N ASP A 67 -6.20 3.12 -8.70
CA ASP A 67 -6.35 1.64 -8.61
C ASP A 67 -5.35 0.95 -9.56
N ASP A 68 -4.34 1.65 -9.98
CA ASP A 68 -3.34 1.02 -10.89
C ASP A 68 -2.34 0.19 -10.10
N TRP A 69 -1.79 0.74 -9.06
CA TRP A 69 -0.80 -0.02 -8.24
C TRP A 69 -1.46 -1.24 -7.61
N CYS A 70 -0.75 -2.32 -7.48
CA CYS A 70 -1.33 -3.55 -6.87
C CYS A 70 -0.42 -4.06 -5.76
N CYS A 71 -0.62 -5.29 -5.34
CA CYS A 71 0.25 -5.85 -4.26
C CYS A 71 1.59 -6.32 -4.84
N PRO A 72 2.60 -6.31 -4.01
CA PRO A 72 3.95 -6.72 -4.48
C PRO A 72 3.97 -8.18 -4.92
N ASP A 73 2.94 -8.94 -4.61
CA ASP A 73 2.94 -10.38 -5.01
C ASP A 73 1.51 -10.93 -5.07
N CYS A 74 0.58 -10.17 -5.58
CA CYS A 74 -0.81 -10.67 -5.67
C CYS A 74 -1.46 -10.20 -6.98
N GLY A 75 -1.54 -8.91 -7.17
CA GLY A 75 -2.17 -8.37 -8.41
C GLY A 75 -3.63 -8.01 -8.12
N ALA A 76 -3.94 -7.73 -6.89
CA ALA A 76 -5.35 -7.36 -6.54
C ALA A 76 -5.54 -5.84 -6.58
N THR A 77 -6.66 -5.37 -6.11
CA THR A 77 -6.90 -3.90 -6.12
C THR A 77 -6.86 -3.34 -4.70
N LYS A 78 -7.19 -2.09 -4.53
CA LYS A 78 -7.18 -1.50 -3.16
C LYS A 78 -8.20 -2.21 -2.27
N GLU A 79 -9.13 -2.93 -2.86
CA GLU A 79 -10.14 -3.64 -2.04
C GLU A 79 -9.46 -4.54 -1.01
N ASP A 80 -8.39 -5.18 -1.40
CA ASP A 80 -7.67 -6.08 -0.44
C ASP A 80 -6.83 -5.25 0.54
N TYR A 81 -6.65 -3.98 0.26
CA TYR A 81 -5.83 -3.13 1.18
C TYR A 81 -6.73 -2.29 2.09
N VAL A 82 -6.40 -2.21 3.34
CA VAL A 82 -7.21 -1.39 4.28
C VAL A 82 -6.31 -0.50 5.13
N LEU A 83 -6.78 0.65 5.53
CA LEU A 83 -5.93 1.54 6.36
C LEU A 83 -5.62 0.89 7.71
N TYR A 84 -4.37 0.69 8.01
CA TYR A 84 -3.99 0.04 9.30
C TYR A 84 -4.14 1.03 10.45
N GLU A 85 -5.00 0.74 11.39
CA GLU A 85 -5.17 1.66 12.55
C GLU A 85 -5.93 0.96 13.68
N GLU A 86 -5.29 0.04 14.35
CA GLU A 86 -5.96 -0.67 15.46
C GLU A 86 -6.23 0.28 16.63
N LYS A 87 -7.47 0.63 16.86
CA LYS A 87 -7.79 1.56 17.97
C LYS A 87 -6.93 2.83 17.87
CD CD B . -1.77 -9.06 -1.10
N ALA A 32 -0.14 13.53 7.95
CA ALA A 32 0.78 12.42 8.33
C ALA A 32 0.65 11.25 7.36
N TYR A 33 1.71 10.54 7.11
CA TYR A 33 1.63 9.39 6.18
C TYR A 33 0.74 8.29 6.74
N LEU A 34 -0.04 7.66 5.91
CA LEU A 34 -0.95 6.59 6.41
C LEU A 34 -0.34 5.20 6.16
N LYS A 35 -0.93 4.18 6.71
CA LYS A 35 -0.38 2.81 6.51
C LYS A 35 -1.53 1.84 6.19
N TRP A 36 -1.25 0.82 5.41
CA TRP A 36 -2.33 -0.15 5.05
C TRP A 36 -1.85 -1.58 5.29
N ILE A 37 -2.70 -2.54 5.05
CA ILE A 37 -2.31 -3.96 5.22
C ILE A 37 -3.21 -4.85 4.34
N CYS A 38 -2.61 -5.59 3.45
CA CYS A 38 -3.41 -6.48 2.58
C CYS A 38 -4.04 -7.61 3.40
N ILE A 39 -5.28 -7.46 3.79
CA ILE A 39 -5.93 -8.54 4.59
C ILE A 39 -5.85 -9.87 3.83
N THR A 40 -5.65 -9.83 2.54
CA THR A 40 -5.55 -11.08 1.75
C THR A 40 -4.16 -11.70 1.90
N CYS A 41 -3.16 -10.90 2.13
CA CYS A 41 -1.78 -11.44 2.26
C CYS A 41 -1.22 -11.19 3.66
N GLY A 42 -1.36 -10.00 4.15
CA GLY A 42 -0.83 -9.68 5.51
C GLY A 42 0.39 -8.76 5.38
N HIS A 43 0.53 -8.09 4.27
CA HIS A 43 1.69 -7.17 4.10
C HIS A 43 1.25 -5.72 4.35
N ILE A 44 2.03 -4.99 5.10
CA ILE A 44 1.65 -3.58 5.40
C ILE A 44 2.34 -2.62 4.44
N TYR A 45 1.65 -1.60 4.01
CA TYR A 45 2.26 -0.61 3.08
C TYR A 45 2.53 0.71 3.81
N ASP A 46 3.59 1.38 3.47
CA ASP A 46 3.90 2.68 4.12
C ASP A 46 3.95 3.80 3.08
N GLU A 47 2.98 4.68 3.08
CA GLU A 47 2.96 5.79 2.09
C GLU A 47 4.32 6.50 2.06
N ALA A 48 5.03 6.49 3.16
CA ALA A 48 6.35 7.15 3.19
C ALA A 48 7.47 6.15 2.88
N LEU A 49 7.12 4.99 2.40
CA LEU A 49 8.16 3.97 2.09
C LEU A 49 7.54 2.73 1.43
N GLY A 50 7.05 2.88 0.23
CA GLY A 50 6.43 1.71 -0.46
C GLY A 50 7.49 0.63 -0.70
N ASP A 51 7.52 0.06 -1.87
CA ASP A 51 8.53 -1.00 -2.16
C ASP A 51 9.74 -0.39 -2.86
N GLU A 52 10.83 -1.10 -2.90
CA GLU A 52 12.05 -0.56 -3.56
C GLU A 52 12.09 -0.99 -5.03
N ALA A 53 11.40 -2.04 -5.37
CA ALA A 53 11.40 -2.51 -6.79
C ALA A 53 10.31 -1.79 -7.58
N GLU A 54 9.18 -1.54 -6.97
CA GLU A 54 8.08 -0.86 -7.68
C GLU A 54 8.49 0.57 -8.05
N GLY A 55 9.39 1.15 -7.29
CA GLY A 55 9.83 2.54 -7.60
C GLY A 55 8.98 3.54 -6.81
N PHE A 56 8.47 3.13 -5.67
CA PHE A 56 7.63 4.06 -4.87
C PHE A 56 8.52 5.11 -4.20
N THR A 57 8.85 6.16 -4.90
CA THR A 57 9.71 7.22 -4.30
C THR A 57 9.15 7.65 -2.92
N PRO A 58 10.05 7.94 -2.01
CA PRO A 58 9.62 8.35 -0.66
C PRO A 58 8.69 9.56 -0.72
N GLY A 59 7.43 9.35 -0.49
CA GLY A 59 6.46 10.49 -0.53
C GLY A 59 5.25 10.11 -1.39
N THR A 60 4.73 8.92 -1.22
CA THR A 60 3.56 8.50 -2.04
C THR A 60 2.46 7.93 -1.13
N ARG A 61 1.28 8.49 -1.18
CA ARG A 61 0.17 7.98 -0.33
C ARG A 61 -0.80 7.15 -1.16
N PHE A 62 -1.46 6.19 -0.56
CA PHE A 62 -2.42 5.34 -1.32
C PHE A 62 -3.38 6.20 -2.15
N GLU A 63 -3.90 7.25 -1.56
CA GLU A 63 -4.82 8.13 -2.32
C GLU A 63 -4.19 8.58 -3.64
N ASP A 64 -2.97 9.06 -3.58
CA ASP A 64 -2.29 9.50 -4.82
C ASP A 64 -2.04 8.30 -5.75
N ILE A 65 -2.00 7.12 -5.19
CA ILE A 65 -1.77 5.90 -6.03
C ILE A 65 -3.07 5.47 -6.72
N PRO A 66 -3.12 5.62 -8.02
CA PRO A 66 -4.35 5.26 -8.77
C PRO A 66 -4.54 3.74 -8.79
N ASP A 67 -5.46 3.27 -9.59
CA ASP A 67 -5.69 1.80 -9.66
C ASP A 67 -4.54 1.09 -10.37
N ASP A 68 -3.74 1.83 -11.10
CA ASP A 68 -2.60 1.19 -11.82
C ASP A 68 -1.76 0.36 -10.84
N TRP A 69 -1.70 0.77 -9.61
CA TRP A 69 -0.91 0.00 -8.61
C TRP A 69 -1.74 -1.17 -8.06
N CYS A 70 -1.10 -2.15 -7.48
CA CYS A 70 -1.85 -3.30 -6.93
C CYS A 70 -0.98 -4.08 -5.94
N CYS A 71 -1.33 -5.31 -5.67
CA CYS A 71 -0.52 -6.11 -4.72
C CYS A 71 0.63 -6.81 -5.44
N PRO A 72 1.62 -7.22 -4.69
CA PRO A 72 2.80 -7.89 -5.28
C PRO A 72 2.46 -9.32 -5.73
N ASP A 73 1.44 -9.91 -5.16
CA ASP A 73 1.10 -11.31 -5.54
C ASP A 73 -0.42 -11.50 -5.65
N CYS A 74 -1.13 -10.47 -6.01
CA CYS A 74 -2.62 -10.60 -6.14
C CYS A 74 -3.13 -9.80 -7.33
N GLY A 75 -2.67 -8.58 -7.47
CA GLY A 75 -3.13 -7.74 -8.61
C GLY A 75 -4.51 -7.16 -8.29
N ALA A 76 -4.80 -6.94 -7.03
CA ALA A 76 -6.12 -6.37 -6.66
C ALA A 76 -5.98 -4.88 -6.35
N THR A 77 -7.03 -4.27 -5.85
CA THR A 77 -6.96 -2.82 -5.52
C THR A 77 -6.95 -2.61 -4.01
N LYS A 78 -7.29 -1.43 -3.56
CA LYS A 78 -7.33 -1.17 -2.10
C LYS A 78 -8.29 -2.13 -1.41
N GLU A 79 -9.18 -2.75 -2.15
CA GLU A 79 -10.13 -3.71 -1.53
C GLU A 79 -9.39 -4.72 -0.65
N ASP A 80 -8.35 -5.31 -1.17
CA ASP A 80 -7.57 -6.28 -0.35
C ASP A 80 -6.76 -5.57 0.72
N TYR A 81 -6.52 -4.30 0.54
CA TYR A 81 -5.73 -3.53 1.54
C TYR A 81 -6.64 -2.80 2.52
N VAL A 82 -6.32 -2.83 3.78
CA VAL A 82 -7.14 -2.11 4.78
C VAL A 82 -6.28 -1.14 5.58
N LEU A 83 -6.89 -0.15 6.19
CA LEU A 83 -6.09 0.82 6.99
C LEU A 83 -5.60 0.18 8.27
N TYR A 84 -4.37 -0.24 8.29
CA TYR A 84 -3.82 -0.89 9.52
C TYR A 84 -4.05 -0.01 10.75
N GLU A 85 -4.49 -0.59 11.83
CA GLU A 85 -4.73 0.20 13.06
C GLU A 85 -3.54 0.08 14.02
N GLU A 86 -2.77 1.13 14.14
CA GLU A 86 -1.60 1.07 15.06
C GLU A 86 -1.81 1.97 16.27
N LYS A 87 -2.16 1.40 17.39
CA LYS A 87 -2.40 2.23 18.61
C LYS A 87 -2.36 1.34 19.86
CD CD B . -2.20 -9.32 -1.42
N ALA A 32 3.16 11.46 10.01
CA ALA A 32 3.16 12.19 8.71
C ALA A 32 2.63 11.27 7.59
N TYR A 33 3.17 10.09 7.48
CA TYR A 33 2.71 9.17 6.40
C TYR A 33 1.80 8.09 6.99
N LEU A 34 0.75 7.76 6.30
CA LEU A 34 -0.19 6.72 6.80
C LEU A 34 0.34 5.33 6.50
N LYS A 35 -0.37 4.30 6.90
CA LYS A 35 0.10 2.91 6.65
C LYS A 35 -1.10 1.99 6.42
N TRP A 36 -0.99 1.10 5.47
CA TRP A 36 -2.11 0.16 5.18
C TRP A 36 -1.66 -1.28 5.41
N ILE A 37 -2.53 -2.22 5.17
CA ILE A 37 -2.14 -3.64 5.32
C ILE A 37 -3.04 -4.54 4.48
N CYS A 38 -2.46 -5.25 3.54
CA CYS A 38 -3.29 -6.15 2.69
C CYS A 38 -3.90 -7.26 3.54
N ILE A 39 -5.09 -7.06 4.04
CA ILE A 39 -5.74 -8.10 4.88
C ILE A 39 -5.72 -9.45 4.16
N THR A 40 -5.62 -9.42 2.86
CA THR A 40 -5.57 -10.69 2.09
C THR A 40 -4.21 -11.37 2.28
N CYS A 41 -3.19 -10.61 2.51
CA CYS A 41 -1.84 -11.21 2.70
C CYS A 41 -1.33 -10.99 4.13
N GLY A 42 -1.41 -9.77 4.61
CA GLY A 42 -0.92 -9.50 5.99
C GLY A 42 0.29 -8.57 5.95
N HIS A 43 0.62 -8.03 4.80
CA HIS A 43 1.80 -7.12 4.71
C HIS A 43 1.35 -5.68 4.91
N ILE A 44 2.05 -4.93 5.73
CA ILE A 44 1.65 -3.52 5.98
C ILE A 44 2.39 -2.57 5.02
N TYR A 45 1.65 -1.77 4.28
CA TYR A 45 2.30 -0.80 3.36
C TYR A 45 2.67 0.49 4.10
N ASP A 46 3.87 0.94 3.94
CA ASP A 46 4.29 2.20 4.62
C ASP A 46 4.43 3.32 3.60
N GLU A 47 3.57 4.30 3.64
CA GLU A 47 3.65 5.41 2.65
C GLU A 47 5.08 6.00 2.63
N ALA A 48 5.81 5.83 3.70
CA ALA A 48 7.20 6.35 3.73
C ALA A 48 8.18 5.29 3.19
N LEU A 49 7.67 4.27 2.56
CA LEU A 49 8.57 3.21 2.01
C LEU A 49 7.74 2.17 1.24
N GLY A 50 7.12 2.59 0.17
CA GLY A 50 6.27 1.64 -0.60
C GLY A 50 7.15 0.61 -1.32
N ASP A 51 6.85 0.34 -2.56
CA ASP A 51 7.64 -0.66 -3.32
C ASP A 51 8.89 -0.01 -3.93
N GLU A 52 9.98 -0.73 -3.98
CA GLU A 52 11.22 -0.17 -4.58
C GLU A 52 11.27 -0.48 -6.07
N ALA A 53 10.58 -1.50 -6.50
CA ALA A 53 10.59 -1.87 -7.94
C ALA A 53 9.51 -1.09 -8.69
N GLU A 54 8.35 -0.93 -8.10
CA GLU A 54 7.26 -0.17 -8.78
C GLU A 54 7.66 1.29 -8.95
N GLY A 55 8.42 1.82 -8.03
CA GLY A 55 8.85 3.25 -8.13
C GLY A 55 8.09 4.08 -7.10
N PHE A 56 7.72 3.49 -5.99
CA PHE A 56 6.98 4.26 -4.96
C PHE A 56 7.93 5.20 -4.23
N THR A 57 8.19 6.35 -4.79
CA THR A 57 9.11 7.31 -4.14
C THR A 57 8.74 7.52 -2.66
N PRO A 58 9.74 7.80 -1.85
CA PRO A 58 9.50 8.02 -0.41
C PRO A 58 8.46 9.13 -0.20
N GLY A 59 7.29 8.79 0.26
CA GLY A 59 6.24 9.82 0.48
C GLY A 59 5.04 9.52 -0.41
N THR A 60 4.90 8.31 -0.88
CA THR A 60 3.74 7.98 -1.74
C THR A 60 2.54 7.57 -0.89
N ARG A 61 1.39 8.09 -1.19
CA ARG A 61 0.18 7.74 -0.38
C ARG A 61 -0.85 7.01 -1.26
N PHE A 62 -1.54 6.06 -0.69
CA PHE A 62 -2.57 5.31 -1.48
C PHE A 62 -3.49 6.28 -2.23
N GLU A 63 -3.62 7.48 -1.73
CA GLU A 63 -4.50 8.47 -2.42
C GLU A 63 -4.06 8.68 -3.87
N ASP A 64 -2.81 8.42 -4.15
CA ASP A 64 -2.32 8.61 -5.55
C ASP A 64 -1.92 7.26 -6.17
N ILE A 65 -2.27 6.18 -5.54
CA ILE A 65 -1.91 4.85 -6.11
C ILE A 65 -2.92 4.42 -7.20
N PRO A 66 -4.20 4.61 -6.94
CA PRO A 66 -5.22 4.23 -7.95
C PRO A 66 -4.85 4.73 -9.34
N ASP A 67 -4.22 3.89 -10.13
CA ASP A 67 -3.82 4.31 -11.51
C ASP A 67 -3.21 3.12 -12.25
N ASP A 68 -2.32 2.41 -11.61
CA ASP A 68 -1.68 1.24 -12.26
C ASP A 68 -0.84 0.47 -11.25
N TRP A 69 -1.26 0.46 -10.01
CA TRP A 69 -0.49 -0.25 -8.96
C TRP A 69 -1.26 -1.47 -8.44
N CYS A 70 -0.62 -2.30 -7.66
CA CYS A 70 -1.32 -3.50 -7.12
C CYS A 70 -0.46 -4.17 -6.04
N CYS A 71 -0.73 -5.41 -5.74
CA CYS A 71 0.06 -6.12 -4.70
C CYS A 71 1.23 -6.86 -5.34
N PRO A 72 2.13 -7.35 -4.52
CA PRO A 72 3.32 -8.07 -5.04
C PRO A 72 2.89 -9.35 -5.78
N ASP A 73 1.93 -10.05 -5.25
CA ASP A 73 1.49 -11.31 -5.93
C ASP A 73 -0.01 -11.55 -5.70
N CYS A 74 -0.82 -10.56 -5.97
CA CYS A 74 -2.29 -10.74 -5.79
C CYS A 74 -3.05 -10.14 -6.97
N GLY A 75 -2.67 -8.95 -7.37
CA GLY A 75 -3.37 -8.31 -8.51
C GLY A 75 -4.73 -7.77 -8.05
N ALA A 76 -4.81 -7.35 -6.82
CA ALA A 76 -6.11 -6.82 -6.32
C ALA A 76 -6.03 -5.30 -6.12
N THR A 77 -7.15 -4.66 -5.95
CA THR A 77 -7.14 -3.19 -5.75
C THR A 77 -7.06 -2.86 -4.25
N LYS A 78 -7.40 -1.65 -3.88
CA LYS A 78 -7.35 -1.28 -2.44
C LYS A 78 -8.32 -2.15 -1.64
N GLU A 79 -9.23 -2.82 -2.29
CA GLU A 79 -10.20 -3.68 -1.55
C GLU A 79 -9.44 -4.63 -0.61
N ASP A 80 -8.34 -5.19 -1.05
CA ASP A 80 -7.55 -6.10 -0.18
C ASP A 80 -6.69 -5.30 0.78
N TYR A 81 -6.46 -4.05 0.50
CA TYR A 81 -5.62 -3.22 1.40
C TYR A 81 -6.48 -2.44 2.38
N VAL A 82 -6.24 -2.59 3.66
CA VAL A 82 -7.04 -1.86 4.66
C VAL A 82 -6.14 -0.91 5.46
N LEU A 83 -6.66 0.20 5.89
CA LEU A 83 -5.83 1.16 6.68
C LEU A 83 -5.48 0.55 8.04
N TYR A 84 -4.23 0.34 8.29
CA TYR A 84 -3.83 -0.27 9.59
C TYR A 84 -4.11 0.69 10.75
N GLU A 85 -4.55 0.17 11.87
CA GLU A 85 -4.85 1.05 13.03
C GLU A 85 -5.17 0.21 14.27
N GLU A 86 -4.50 0.45 15.35
CA GLU A 86 -4.76 -0.34 16.59
C GLU A 86 -4.45 0.49 17.83
N LYS A 87 -4.99 1.68 17.93
CA LYS A 87 -4.71 2.53 19.11
C LYS A 87 -5.78 3.63 19.24
CD CD B . -1.80 -9.03 -1.12
N ALA A 32 3.63 13.81 7.04
CA ALA A 32 2.97 12.65 7.71
C ALA A 32 2.58 11.60 6.67
N TYR A 33 2.91 10.36 6.92
CA TYR A 33 2.55 9.28 5.95
C TYR A 33 1.70 8.21 6.64
N LEU A 34 0.69 7.73 5.98
CA LEU A 34 -0.18 6.70 6.59
C LEU A 34 0.32 5.30 6.25
N LYS A 35 -0.14 4.30 6.97
CA LYS A 35 0.30 2.91 6.69
C LYS A 35 -0.93 2.04 6.39
N TRP A 36 -0.79 1.09 5.50
CA TRP A 36 -1.94 0.22 5.16
C TRP A 36 -1.60 -1.25 5.42
N ILE A 37 -2.53 -2.13 5.18
CA ILE A 37 -2.27 -3.58 5.39
C ILE A 37 -3.19 -4.41 4.48
N CYS A 38 -2.62 -5.33 3.74
CA CYS A 38 -3.45 -6.17 2.84
C CYS A 38 -4.18 -7.25 3.65
N ILE A 39 -5.42 -7.03 3.98
CA ILE A 39 -6.18 -8.06 4.75
C ILE A 39 -6.09 -9.42 4.05
N THR A 40 -5.85 -9.41 2.78
CA THR A 40 -5.75 -10.70 2.04
C THR A 40 -4.39 -11.34 2.25
N CYS A 41 -3.36 -10.55 2.45
CA CYS A 41 -2.00 -11.12 2.67
C CYS A 41 -1.57 -10.94 4.12
N GLY A 42 -1.60 -9.73 4.61
CA GLY A 42 -1.18 -9.47 6.01
C GLY A 42 0.10 -8.63 6.04
N HIS A 43 0.47 -8.04 4.92
CA HIS A 43 1.70 -7.21 4.89
C HIS A 43 1.33 -5.72 5.00
N ILE A 44 2.01 -4.99 5.84
CA ILE A 44 1.68 -3.55 6.00
C ILE A 44 2.48 -2.69 5.02
N TYR A 45 1.89 -1.63 4.54
CA TYR A 45 2.59 -0.74 3.57
C TYR A 45 3.04 0.54 4.27
N ASP A 46 4.29 0.90 4.12
CA ASP A 46 4.79 2.15 4.77
C ASP A 46 4.91 3.26 3.71
N GLU A 47 3.99 4.19 3.71
CA GLU A 47 4.04 5.29 2.72
C GLU A 47 5.42 5.96 2.71
N ALA A 48 6.15 5.84 3.80
CA ALA A 48 7.50 6.48 3.85
C ALA A 48 8.51 5.68 3.02
N LEU A 49 8.10 4.58 2.44
CA LEU A 49 9.05 3.77 1.62
C LEU A 49 8.29 2.64 0.92
N GLY A 50 7.46 2.97 -0.02
CA GLY A 50 6.67 1.92 -0.74
C GLY A 50 7.61 0.98 -1.49
N ASP A 51 7.26 0.63 -2.71
CA ASP A 51 8.09 -0.30 -3.50
C ASP A 51 9.10 0.48 -4.36
N GLU A 52 10.07 -0.21 -4.89
CA GLU A 52 11.08 0.48 -5.75
C GLU A 52 10.90 0.06 -7.21
N ALA A 53 10.37 -1.11 -7.44
CA ALA A 53 10.16 -1.58 -8.84
C ALA A 53 9.05 -0.75 -9.50
N GLU A 54 7.91 -0.68 -8.89
CA GLU A 54 6.80 0.11 -9.48
C GLU A 54 7.18 1.59 -9.54
N GLY A 55 8.08 2.01 -8.70
CA GLY A 55 8.50 3.44 -8.70
C GLY A 55 7.87 4.17 -7.52
N PHE A 56 7.60 3.47 -6.45
CA PHE A 56 6.99 4.13 -5.27
C PHE A 56 8.04 4.85 -4.43
N THR A 57 8.44 6.02 -4.85
CA THR A 57 9.46 6.77 -4.10
C THR A 57 9.05 6.91 -2.62
N PRO A 58 10.03 7.04 -1.76
CA PRO A 58 9.74 7.18 -0.32
C PRO A 58 8.78 8.35 -0.08
N GLY A 59 7.51 8.07 0.02
CA GLY A 59 6.52 9.17 0.24
C GLY A 59 5.22 8.85 -0.51
N THR A 60 5.26 7.93 -1.44
CA THR A 60 4.02 7.58 -2.20
C THR A 60 2.85 7.32 -1.23
N ARG A 61 1.79 8.05 -1.37
CA ARG A 61 0.62 7.85 -0.47
C ARG A 61 -0.51 7.13 -1.22
N PHE A 62 -1.17 6.21 -0.57
CA PHE A 62 -2.29 5.47 -1.24
C PHE A 62 -3.23 6.45 -1.96
N GLU A 63 -3.62 7.51 -1.30
CA GLU A 63 -4.52 8.50 -1.95
C GLU A 63 -3.96 8.94 -3.30
N ASP A 64 -2.66 9.01 -3.40
CA ASP A 64 -2.03 9.42 -4.69
C ASP A 64 -1.69 8.20 -5.54
N ILE A 65 -2.18 7.04 -5.18
CA ILE A 65 -1.87 5.81 -5.97
C ILE A 65 -3.13 5.34 -6.71
N PRO A 66 -3.15 5.52 -8.01
CA PRO A 66 -4.33 5.10 -8.80
C PRO A 66 -4.56 3.59 -8.70
N ASP A 67 -5.35 3.04 -9.57
CA ASP A 67 -5.62 1.58 -9.52
C ASP A 67 -4.48 0.79 -10.18
N ASP A 68 -3.67 1.45 -10.98
CA ASP A 68 -2.55 0.73 -11.66
C ASP A 68 -1.72 -0.05 -10.63
N TRP A 69 -1.43 0.54 -9.50
CA TRP A 69 -0.64 -0.17 -8.47
C TRP A 69 -1.48 -1.29 -7.84
N CYS A 70 -0.85 -2.38 -7.50
CA CYS A 70 -1.62 -3.51 -6.88
C CYS A 70 -0.78 -4.20 -5.81
N CYS A 71 -1.27 -5.27 -5.25
CA CYS A 71 -0.51 -5.99 -4.20
C CYS A 71 0.65 -6.76 -4.83
N PRO A 72 1.80 -6.70 -4.21
CA PRO A 72 2.99 -7.41 -4.74
C PRO A 72 2.86 -8.92 -4.52
N ASP A 73 1.92 -9.35 -3.73
CA ASP A 73 1.77 -10.82 -3.49
C ASP A 73 0.48 -11.34 -4.15
N CYS A 74 -0.47 -10.48 -4.37
CA CYS A 74 -1.75 -10.94 -5.02
C CYS A 74 -1.87 -10.34 -6.42
N GLY A 75 -2.20 -9.09 -6.50
CA GLY A 75 -2.36 -8.44 -7.83
C GLY A 75 -3.77 -7.86 -7.95
N ALA A 76 -4.30 -7.33 -6.88
CA ALA A 76 -5.68 -6.76 -6.94
C ALA A 76 -5.63 -5.24 -6.72
N THR A 77 -6.76 -4.63 -6.53
CA THR A 77 -6.79 -3.15 -6.32
C THR A 77 -6.63 -2.81 -4.84
N LYS A 78 -6.98 -1.62 -4.45
CA LYS A 78 -6.86 -1.24 -3.01
C LYS A 78 -7.89 -2.00 -2.16
N GLU A 79 -8.82 -2.68 -2.79
CA GLU A 79 -9.83 -3.43 -2.01
C GLU A 79 -9.16 -4.34 -0.98
N ASP A 80 -8.13 -5.04 -1.38
CA ASP A 80 -7.42 -5.93 -0.42
C ASP A 80 -6.63 -5.09 0.59
N TYR A 81 -6.35 -3.85 0.25
CA TYR A 81 -5.58 -2.99 1.18
C TYR A 81 -6.51 -2.12 2.01
N VAL A 82 -6.28 -2.04 3.30
CA VAL A 82 -7.16 -1.20 4.17
C VAL A 82 -6.30 -0.36 5.11
N LEU A 83 -6.90 0.54 5.84
CA LEU A 83 -6.13 1.39 6.77
C LEU A 83 -5.75 0.59 8.02
N TYR A 84 -4.47 0.43 8.27
CA TYR A 84 -4.05 -0.35 9.47
C TYR A 84 -4.51 0.34 10.75
N GLU A 85 -5.52 -0.19 11.39
CA GLU A 85 -6.01 0.44 12.65
C GLU A 85 -6.48 -0.66 13.62
N GLU A 86 -5.70 -0.95 14.62
CA GLU A 86 -6.11 -1.99 15.61
C GLU A 86 -5.63 -1.63 17.01
N LYS A 87 -6.47 -1.83 18.00
CA LYS A 87 -6.06 -1.49 19.39
C LYS A 87 -5.78 -2.78 20.19
CD CD B . -2.35 -9.28 -1.02
N ALA A 32 1.68 13.70 7.72
CA ALA A 32 1.93 12.38 8.38
C ALA A 32 1.85 11.25 7.36
N TYR A 33 2.23 10.06 7.75
CA TYR A 33 2.17 8.91 6.80
C TYR A 33 1.30 7.80 7.35
N LEU A 34 0.51 7.19 6.52
CA LEU A 34 -0.40 6.09 7.00
C LEU A 34 0.14 4.73 6.60
N LYS A 35 -0.55 3.69 6.96
CA LYS A 35 -0.08 2.31 6.60
C LYS A 35 -1.28 1.45 6.18
N TRP A 36 -1.10 0.56 5.25
CA TRP A 36 -2.23 -0.29 4.80
C TRP A 36 -1.85 -1.78 4.86
N ILE A 37 -2.71 -2.60 5.38
CA ILE A 37 -2.40 -4.06 5.43
C ILE A 37 -3.32 -4.84 4.49
N CYS A 38 -2.76 -5.71 3.69
CA CYS A 38 -3.59 -6.51 2.76
C CYS A 38 -4.26 -7.66 3.51
N ILE A 39 -5.51 -7.51 3.87
CA ILE A 39 -6.22 -8.59 4.61
C ILE A 39 -6.16 -9.90 3.83
N THR A 40 -5.88 -9.83 2.55
CA THR A 40 -5.83 -11.07 1.73
C THR A 40 -4.60 -11.91 2.10
N CYS A 41 -3.48 -11.28 2.34
CA CYS A 41 -2.25 -12.06 2.69
C CYS A 41 -1.63 -11.55 3.99
N GLY A 42 -1.69 -10.27 4.26
CA GLY A 42 -1.11 -9.74 5.52
C GLY A 42 0.17 -8.94 5.22
N HIS A 43 0.12 -8.10 4.22
CA HIS A 43 1.32 -7.28 3.88
C HIS A 43 1.07 -5.81 4.26
N ILE A 44 1.96 -5.23 5.01
CA ILE A 44 1.77 -3.80 5.42
C ILE A 44 2.47 -2.86 4.45
N TYR A 45 1.77 -1.83 4.03
CA TYR A 45 2.39 -0.83 3.12
C TYR A 45 2.77 0.42 3.91
N ASP A 46 4.02 0.79 3.90
CA ASP A 46 4.46 1.98 4.66
C ASP A 46 4.57 3.20 3.74
N GLU A 47 3.65 4.10 3.83
CA GLU A 47 3.69 5.31 2.94
C GLU A 47 5.08 5.95 2.95
N ALA A 48 5.84 5.74 3.99
CA ALA A 48 7.21 6.33 4.05
C ALA A 48 8.24 5.41 3.38
N LEU A 49 7.78 4.44 2.63
CA LEU A 49 8.73 3.52 1.95
C LEU A 49 7.97 2.53 1.07
N GLY A 50 7.38 3.01 0.00
CA GLY A 50 6.60 2.10 -0.89
C GLY A 50 7.54 1.06 -1.51
N ASP A 51 7.39 0.82 -2.79
CA ASP A 51 8.24 -0.19 -3.46
C ASP A 51 9.17 0.49 -4.48
N GLU A 52 10.21 -0.17 -4.88
CA GLU A 52 11.14 0.44 -5.87
C GLU A 52 10.82 -0.06 -7.29
N ALA A 53 10.27 -1.23 -7.40
CA ALA A 53 9.93 -1.77 -8.74
C ALA A 53 8.67 -1.09 -9.28
N GLU A 54 7.79 -0.67 -8.41
CA GLU A 54 6.54 0.00 -8.87
C GLU A 54 6.76 1.50 -9.02
N GLY A 55 7.98 1.95 -9.07
CA GLY A 55 8.24 3.41 -9.22
C GLY A 55 7.61 4.15 -8.05
N PHE A 56 7.50 3.52 -6.92
CA PHE A 56 6.90 4.19 -5.74
C PHE A 56 7.97 4.95 -4.96
N THR A 57 8.29 6.15 -5.40
CA THR A 57 9.34 6.94 -4.71
C THR A 57 9.11 6.95 -3.19
N PRO A 58 10.19 7.08 -2.45
CA PRO A 58 10.08 7.10 -0.98
C PRO A 58 9.13 8.22 -0.51
N GLY A 59 7.95 7.87 -0.09
CA GLY A 59 6.98 8.90 0.37
C GLY A 59 5.70 8.82 -0.47
N THR A 60 5.31 7.65 -0.85
CA THR A 60 4.07 7.50 -1.66
C THR A 60 2.86 7.31 -0.75
N ARG A 61 1.78 8.01 -1.02
CA ARG A 61 0.57 7.87 -0.16
C ARG A 61 -0.51 7.07 -0.89
N PHE A 62 -1.14 6.15 -0.21
CA PHE A 62 -2.21 5.34 -0.87
C PHE A 62 -3.22 6.25 -1.56
N GLU A 63 -3.67 7.27 -0.89
CA GLU A 63 -4.66 8.20 -1.50
C GLU A 63 -4.13 8.74 -2.83
N ASP A 64 -2.88 9.09 -2.87
CA ASP A 64 -2.29 9.63 -4.14
C ASP A 64 -2.03 8.50 -5.13
N ILE A 65 -1.86 7.30 -4.63
CA ILE A 65 -1.59 6.15 -5.54
C ILE A 65 -2.85 5.83 -6.37
N PRO A 66 -2.74 5.95 -7.68
CA PRO A 66 -3.88 5.65 -8.57
C PRO A 66 -4.30 4.18 -8.45
N ASP A 67 -4.85 3.62 -9.49
CA ASP A 67 -5.28 2.20 -9.44
C ASP A 67 -4.23 1.29 -10.09
N ASP A 68 -3.39 1.85 -10.93
CA ASP A 68 -2.35 1.03 -11.61
C ASP A 68 -1.58 0.19 -10.58
N TRP A 69 -1.27 0.77 -9.45
CA TRP A 69 -0.51 0.01 -8.41
C TRP A 69 -1.37 -1.13 -7.84
N CYS A 70 -0.76 -2.06 -7.18
CA CYS A 70 -1.54 -3.19 -6.59
C CYS A 70 -0.72 -3.90 -5.51
N CYS A 71 -1.08 -5.11 -5.18
CA CYS A 71 -0.33 -5.86 -4.14
C CYS A 71 0.83 -6.64 -4.79
N PRO A 72 2.05 -6.35 -4.36
CA PRO A 72 3.22 -7.05 -4.92
C PRO A 72 3.18 -8.55 -4.59
N ASP A 73 2.32 -8.95 -3.70
CA ASP A 73 2.24 -10.40 -3.33
C ASP A 73 1.04 -11.05 -4.00
N CYS A 74 0.01 -10.31 -4.29
CA CYS A 74 -1.19 -10.89 -4.93
C CYS A 74 -1.37 -10.33 -6.34
N GLY A 75 -1.83 -9.12 -6.46
CA GLY A 75 -2.03 -8.52 -7.79
C GLY A 75 -3.47 -8.00 -7.92
N ALA A 76 -3.98 -7.41 -6.88
CA ALA A 76 -5.38 -6.89 -6.94
C ALA A 76 -5.42 -5.39 -6.64
N THR A 77 -6.60 -4.83 -6.57
CA THR A 77 -6.71 -3.37 -6.29
C THR A 77 -6.60 -3.10 -4.79
N LYS A 78 -6.94 -1.91 -4.36
CA LYS A 78 -6.89 -1.59 -2.91
C LYS A 78 -7.96 -2.37 -2.15
N GLU A 79 -8.86 -3.02 -2.84
CA GLU A 79 -9.91 -3.80 -2.14
C GLU A 79 -9.30 -4.72 -1.08
N ASP A 80 -8.22 -5.38 -1.43
CA ASP A 80 -7.56 -6.28 -0.45
C ASP A 80 -6.78 -5.47 0.60
N TYR A 81 -6.45 -4.24 0.27
CA TYR A 81 -5.69 -3.41 1.24
C TYR A 81 -6.65 -2.58 2.11
N VAL A 82 -6.45 -2.58 3.39
CA VAL A 82 -7.34 -1.78 4.28
C VAL A 82 -6.50 -0.83 5.15
N LEU A 83 -7.11 0.16 5.72
CA LEU A 83 -6.36 1.12 6.56
C LEU A 83 -6.13 0.56 7.97
N TYR A 84 -4.91 0.40 8.37
CA TYR A 84 -4.63 -0.15 9.73
C TYR A 84 -4.89 0.92 10.80
N GLU A 85 -5.87 0.71 11.63
CA GLU A 85 -6.18 1.71 12.68
C GLU A 85 -5.34 1.44 13.94
N GLU A 86 -4.98 2.45 14.67
CA GLU A 86 -4.18 2.25 15.90
C GLU A 86 -5.07 2.28 17.13
N LYS A 87 -6.06 1.41 17.19
CA LYS A 87 -6.96 1.38 18.37
C LYS A 87 -7.51 -0.03 18.58
CD CD B . -1.95 -9.30 -0.92
N ALA A 32 2.39 13.17 8.22
CA ALA A 32 2.05 11.82 8.74
C ALA A 32 1.61 10.92 7.57
N TYR A 33 2.31 9.83 7.36
CA TYR A 33 1.93 8.91 6.25
C TYR A 33 1.03 7.79 6.76
N LEU A 34 -0.03 7.51 6.08
CA LEU A 34 -0.96 6.42 6.53
C LEU A 34 -0.35 5.06 6.24
N LYS A 35 -0.89 4.03 6.84
CA LYS A 35 -0.36 2.66 6.60
C LYS A 35 -1.50 1.70 6.27
N TRP A 36 -1.33 0.86 5.29
CA TRP A 36 -2.43 -0.09 4.92
C TRP A 36 -1.97 -1.53 5.16
N ILE A 37 -2.87 -2.46 5.07
CA ILE A 37 -2.51 -3.90 5.26
C ILE A 37 -3.34 -4.77 4.32
N CYS A 38 -2.71 -5.73 3.68
CA CYS A 38 -3.46 -6.61 2.75
C CYS A 38 -4.12 -7.77 3.53
N ILE A 39 -5.37 -7.61 3.89
CA ILE A 39 -6.06 -8.70 4.63
C ILE A 39 -5.93 -10.02 3.86
N THR A 40 -5.69 -9.95 2.58
CA THR A 40 -5.55 -11.18 1.77
C THR A 40 -4.21 -11.86 2.09
N CYS A 41 -3.23 -11.11 2.48
CA CYS A 41 -1.90 -11.72 2.78
C CYS A 41 -1.46 -11.35 4.20
N GLY A 42 -1.48 -10.08 4.54
CA GLY A 42 -1.06 -9.67 5.90
C GLY A 42 0.17 -8.76 5.82
N HIS A 43 0.43 -8.19 4.67
CA HIS A 43 1.60 -7.29 4.53
C HIS A 43 1.17 -5.83 4.69
N ILE A 44 1.88 -5.07 5.48
CA ILE A 44 1.50 -3.64 5.67
C ILE A 44 2.21 -2.74 4.66
N TYR A 45 1.48 -1.84 4.05
CA TYR A 45 2.10 -0.91 3.06
C TYR A 45 2.51 0.38 3.76
N ASP A 46 3.75 0.77 3.62
CA ASP A 46 4.22 2.03 4.27
C ASP A 46 4.17 3.19 3.28
N GLU A 47 3.17 4.03 3.38
CA GLU A 47 3.06 5.18 2.45
C GLU A 47 4.38 5.94 2.34
N ALA A 48 5.15 5.95 3.40
CA ALA A 48 6.45 6.67 3.38
C ALA A 48 7.57 5.71 2.95
N LEU A 49 7.24 4.60 2.37
CA LEU A 49 8.28 3.63 1.94
C LEU A 49 7.63 2.44 1.22
N GLY A 50 7.12 2.66 0.04
CA GLY A 50 6.47 1.56 -0.71
C GLY A 50 7.50 0.48 -1.05
N ASP A 51 7.48 -0.01 -2.26
CA ASP A 51 8.43 -1.08 -2.65
C ASP A 51 9.44 -0.57 -3.68
N GLU A 52 10.46 -1.32 -3.95
CA GLU A 52 11.47 -0.88 -4.97
C GLU A 52 11.04 -1.33 -6.36
N ALA A 53 10.64 -2.57 -6.50
CA ALA A 53 10.20 -3.06 -7.83
C ALA A 53 9.11 -2.16 -8.41
N GLU A 54 8.17 -1.76 -7.60
CA GLU A 54 7.09 -0.87 -8.10
C GLU A 54 7.64 0.53 -8.36
N GLY A 55 8.64 0.92 -7.62
CA GLY A 55 9.23 2.28 -7.82
C GLY A 55 8.49 3.30 -6.96
N PHE A 56 7.96 2.88 -5.84
CA PHE A 56 7.24 3.85 -4.96
C PHE A 56 8.24 4.83 -4.34
N THR A 57 8.61 5.86 -5.05
CA THR A 57 9.57 6.85 -4.50
C THR A 57 9.14 7.31 -3.10
N PRO A 58 10.12 7.57 -2.25
CA PRO A 58 9.81 8.00 -0.87
C PRO A 58 8.88 9.22 -0.87
N GLY A 59 7.63 9.01 -0.54
CA GLY A 59 6.67 10.15 -0.51
C GLY A 59 5.42 9.81 -1.33
N THR A 60 4.94 8.60 -1.19
CA THR A 60 3.71 8.21 -1.97
C THR A 60 2.64 7.68 -1.02
N ARG A 61 1.45 8.21 -1.08
CA ARG A 61 0.37 7.72 -0.19
C ARG A 61 -0.80 7.17 -1.02
N PHE A 62 -1.49 6.19 -0.50
CA PHE A 62 -2.63 5.60 -1.26
C PHE A 62 -3.54 6.69 -1.81
N GLU A 63 -3.79 7.72 -1.05
CA GLU A 63 -4.65 8.82 -1.54
C GLU A 63 -4.05 9.44 -2.79
N ASP A 64 -2.75 9.45 -2.89
CA ASP A 64 -2.11 10.03 -4.11
C ASP A 64 -1.78 8.93 -5.12
N ILE A 65 -2.32 7.75 -4.93
CA ILE A 65 -2.04 6.64 -5.89
C ILE A 65 -3.33 6.25 -6.62
N PRO A 66 -3.85 7.17 -7.40
CA PRO A 66 -5.10 6.90 -8.16
C PRO A 66 -4.85 5.82 -9.22
N ASP A 67 -3.62 5.62 -9.60
CA ASP A 67 -3.32 4.59 -10.64
C ASP A 67 -3.90 3.23 -10.23
N ASP A 68 -3.64 2.22 -11.00
CA ASP A 68 -4.18 0.86 -10.66
C ASP A 68 -3.13 0.06 -9.89
N TRP A 69 -2.46 0.69 -8.96
CA TRP A 69 -1.43 -0.04 -8.17
C TRP A 69 -2.00 -1.33 -7.59
N CYS A 70 -1.21 -2.36 -7.53
CA CYS A 70 -1.71 -3.65 -6.96
C CYS A 70 -0.66 -4.24 -6.01
N CYS A 71 -1.00 -5.28 -5.31
CA CYS A 71 -0.02 -5.91 -4.37
C CYS A 71 1.26 -6.30 -5.12
N PRO A 72 2.36 -6.30 -4.41
CA PRO A 72 3.66 -6.64 -5.04
C PRO A 72 3.77 -8.15 -5.30
N ASP A 73 2.83 -8.93 -4.83
CA ASP A 73 2.91 -10.39 -5.07
C ASP A 73 1.52 -11.02 -5.12
N CYS A 74 0.55 -10.30 -5.62
CA CYS A 74 -0.84 -10.88 -5.71
C CYS A 74 -1.51 -10.42 -7.01
N GLY A 75 -1.77 -9.14 -7.13
CA GLY A 75 -2.41 -8.62 -8.36
C GLY A 75 -3.86 -8.20 -8.05
N ALA A 76 -4.11 -7.79 -6.83
CA ALA A 76 -5.49 -7.36 -6.47
C ALA A 76 -5.57 -5.83 -6.36
N THR A 77 -6.76 -5.30 -6.23
CA THR A 77 -6.90 -3.82 -6.11
C THR A 77 -6.83 -3.40 -4.65
N LYS A 78 -7.29 -2.22 -4.34
CA LYS A 78 -7.27 -1.75 -2.93
C LYS A 78 -8.24 -2.56 -2.08
N GLU A 79 -9.13 -3.29 -2.70
CA GLU A 79 -10.10 -4.11 -1.92
C GLU A 79 -9.36 -4.99 -0.91
N ASP A 80 -8.32 -5.64 -1.34
CA ASP A 80 -7.55 -6.50 -0.41
C ASP A 80 -6.78 -5.63 0.60
N TYR A 81 -6.57 -4.38 0.27
CA TYR A 81 -5.83 -3.48 1.19
C TYR A 81 -6.81 -2.63 2.01
N VAL A 82 -6.58 -2.52 3.29
CA VAL A 82 -7.49 -1.71 4.15
C VAL A 82 -6.67 -0.75 5.01
N LEU A 83 -7.33 0.16 5.68
CA LEU A 83 -6.59 1.12 6.55
C LEU A 83 -6.22 0.46 7.88
N TYR A 84 -4.95 0.38 8.18
CA TYR A 84 -4.52 -0.26 9.45
C TYR A 84 -4.76 0.69 10.63
N GLU A 85 -4.77 0.16 11.82
CA GLU A 85 -4.99 1.03 13.01
C GLU A 85 -3.86 0.82 14.04
N GLU A 86 -2.99 1.79 14.15
CA GLU A 86 -1.85 1.65 15.12
C GLU A 86 -2.32 2.00 16.54
N LYS A 87 -1.62 1.54 17.53
CA LYS A 87 -2.01 1.84 18.93
C LYS A 87 -1.98 3.35 19.18
CD CD B . -1.72 -9.32 -1.13
N ALA A 32 2.37 11.20 9.99
CA ALA A 32 1.60 11.80 8.87
C ALA A 32 1.33 10.76 7.78
N TYR A 33 2.34 10.02 7.39
CA TYR A 33 2.15 8.99 6.33
C TYR A 33 1.22 7.88 6.83
N LEU A 34 0.31 7.45 6.01
CA LEU A 34 -0.63 6.38 6.43
C LEU A 34 -0.14 5.01 5.94
N LYS A 35 -0.56 3.95 6.57
CA LYS A 35 -0.13 2.59 6.14
C LYS A 35 -1.35 1.74 5.78
N TRP A 36 -1.15 0.70 5.02
CA TRP A 36 -2.31 -0.16 4.63
C TRP A 36 -1.96 -1.64 4.79
N ILE A 37 -2.78 -2.37 5.49
CA ILE A 37 -2.50 -3.83 5.66
C ILE A 37 -3.33 -4.64 4.68
N CYS A 38 -2.71 -5.54 3.96
CA CYS A 38 -3.49 -6.40 3.03
C CYS A 38 -4.19 -7.51 3.81
N ILE A 39 -5.42 -7.31 4.22
CA ILE A 39 -6.13 -8.37 5.00
C ILE A 39 -6.04 -9.71 4.26
N THR A 40 -5.86 -9.66 2.97
CA THR A 40 -5.74 -10.91 2.18
C THR A 40 -4.35 -11.53 2.37
N CYS A 41 -3.36 -10.72 2.65
CA CYS A 41 -1.98 -11.27 2.81
C CYS A 41 -1.46 -11.05 4.22
N GLY A 42 -1.59 -9.87 4.76
CA GLY A 42 -1.06 -9.60 6.12
C GLY A 42 0.07 -8.57 6.02
N HIS A 43 0.68 -8.46 4.87
CA HIS A 43 1.79 -7.48 4.71
C HIS A 43 1.24 -6.05 4.76
N ILE A 44 2.00 -5.14 5.31
CA ILE A 44 1.52 -3.73 5.40
C ILE A 44 2.27 -2.83 4.44
N TYR A 45 1.63 -1.79 4.01
CA TYR A 45 2.29 -0.82 3.07
C TYR A 45 2.71 0.44 3.83
N ASP A 46 3.95 0.83 3.71
CA ASP A 46 4.42 2.05 4.41
C ASP A 46 4.52 3.23 3.44
N GLU A 47 3.58 4.13 3.50
CA GLU A 47 3.61 5.30 2.59
C GLU A 47 4.98 5.99 2.63
N ALA A 48 5.70 5.83 3.70
CA ALA A 48 7.04 6.48 3.81
C ALA A 48 8.12 5.61 3.16
N LEU A 49 7.73 4.59 2.43
CA LEU A 49 8.73 3.70 1.78
C LEU A 49 8.03 2.65 0.92
N GLY A 50 7.42 3.07 -0.16
CA GLY A 50 6.69 2.10 -1.03
C GLY A 50 7.67 1.07 -1.60
N ASP A 51 7.42 0.62 -2.80
CA ASP A 51 8.30 -0.40 -3.41
C ASP A 51 9.46 0.27 -4.16
N GLU A 52 10.40 -0.50 -4.63
CA GLU A 52 11.55 0.08 -5.38
C GLU A 52 11.47 -0.29 -6.86
N ALA A 53 10.76 -1.33 -7.18
CA ALA A 53 10.65 -1.75 -8.60
C ALA A 53 9.66 -0.85 -9.35
N GLU A 54 8.43 -0.81 -8.91
CA GLU A 54 7.42 0.05 -9.59
C GLU A 54 7.89 1.51 -9.59
N GLY A 55 8.78 1.85 -8.71
CA GLY A 55 9.26 3.27 -8.65
C GLY A 55 8.47 4.03 -7.58
N PHE A 56 8.05 3.36 -6.54
CA PHE A 56 7.28 4.03 -5.48
C PHE A 56 8.22 4.82 -4.57
N THR A 57 8.66 5.97 -5.02
CA THR A 57 9.59 6.78 -4.20
C THR A 57 9.04 6.99 -2.79
N PRO A 58 9.93 7.10 -1.84
CA PRO A 58 9.50 7.31 -0.43
C PRO A 58 8.63 8.57 -0.32
N GLY A 59 7.44 8.43 0.20
CA GLY A 59 6.54 9.61 0.34
C GLY A 59 5.33 9.43 -0.59
N THR A 60 5.00 8.22 -0.95
CA THR A 60 3.84 7.99 -1.84
C THR A 60 2.61 7.61 -1.01
N ARG A 61 1.49 8.23 -1.29
CA ARG A 61 0.26 7.91 -0.51
C ARG A 61 -0.74 7.15 -1.39
N PHE A 62 -1.43 6.19 -0.82
CA PHE A 62 -2.42 5.40 -1.61
C PHE A 62 -3.33 6.34 -2.42
N GLU A 63 -3.86 7.35 -1.80
CA GLU A 63 -4.76 8.29 -2.53
C GLU A 63 -4.05 8.80 -3.79
N ASP A 64 -2.82 9.21 -3.66
CA ASP A 64 -2.08 9.71 -4.86
C ASP A 64 -1.71 8.54 -5.77
N ILE A 65 -1.86 7.32 -5.30
CA ILE A 65 -1.52 6.16 -6.17
C ILE A 65 -2.73 5.77 -7.03
N PRO A 66 -2.55 5.78 -8.33
CA PRO A 66 -3.67 5.42 -9.24
C PRO A 66 -4.00 3.94 -9.10
N ASP A 67 -4.90 3.44 -9.91
CA ASP A 67 -5.28 2.00 -9.83
C ASP A 67 -4.21 1.12 -10.46
N ASP A 68 -3.39 1.69 -11.30
CA ASP A 68 -2.31 0.89 -11.97
C ASP A 68 -1.52 0.09 -10.92
N TRP A 69 -1.30 0.66 -9.77
CA TRP A 69 -0.54 -0.06 -8.71
C TRP A 69 -1.44 -1.11 -8.04
N CYS A 70 -0.85 -2.10 -7.43
CA CYS A 70 -1.67 -3.15 -6.75
C CYS A 70 -0.83 -3.84 -5.67
N CYS A 71 -1.23 -5.00 -5.26
CA CYS A 71 -0.47 -5.74 -4.22
C CYS A 71 0.72 -6.47 -4.86
N PRO A 72 1.82 -6.55 -4.13
CA PRO A 72 3.02 -7.22 -4.68
C PRO A 72 2.85 -8.75 -4.67
N ASP A 73 1.87 -9.26 -3.99
CA ASP A 73 1.69 -10.74 -3.94
C ASP A 73 0.34 -11.17 -4.49
N CYS A 74 -0.57 -10.25 -4.67
CA CYS A 74 -1.91 -10.63 -5.22
C CYS A 74 -2.15 -9.99 -6.57
N GLY A 75 -2.38 -8.70 -6.60
CA GLY A 75 -2.63 -8.02 -7.91
C GLY A 75 -4.03 -7.41 -7.90
N ALA A 76 -4.53 -7.03 -6.76
CA ALA A 76 -5.89 -6.43 -6.70
C ALA A 76 -5.80 -4.95 -6.35
N THR A 77 -6.92 -4.31 -6.15
CA THR A 77 -6.90 -2.85 -5.80
C THR A 77 -6.84 -2.67 -4.29
N LYS A 78 -7.24 -1.53 -3.81
CA LYS A 78 -7.22 -1.29 -2.34
C LYS A 78 -8.20 -2.23 -1.63
N GLU A 79 -9.06 -2.90 -2.36
CA GLU A 79 -10.04 -3.82 -1.72
C GLU A 79 -9.34 -4.74 -0.71
N ASP A 80 -8.23 -5.31 -1.09
CA ASP A 80 -7.50 -6.20 -0.15
C ASP A 80 -6.69 -5.38 0.85
N TYR A 81 -6.42 -4.14 0.55
CA TYR A 81 -5.63 -3.30 1.48
C TYR A 81 -6.56 -2.50 2.39
N VAL A 82 -6.33 -2.55 3.67
CA VAL A 82 -7.19 -1.78 4.62
C VAL A 82 -6.32 -0.85 5.47
N LEU A 83 -6.93 0.14 6.07
CA LEU A 83 -6.14 1.08 6.90
C LEU A 83 -5.79 0.44 8.25
N TYR A 84 -4.53 0.14 8.46
CA TYR A 84 -4.12 -0.50 9.75
C TYR A 84 -4.66 0.31 10.93
N GLU A 85 -5.03 -0.35 11.99
CA GLU A 85 -5.56 0.38 13.18
C GLU A 85 -5.32 -0.45 14.45
N GLU A 86 -4.87 0.18 15.50
CA GLU A 86 -4.61 -0.56 16.76
C GLU A 86 -5.92 -0.82 17.50
N LYS A 87 -6.46 -2.00 17.40
CA LYS A 87 -7.74 -2.30 18.10
C LYS A 87 -8.80 -1.26 17.76
CD CD B . -2.10 -9.18 -0.99
N ALA A 32 4.08 11.82 9.17
CA ALA A 32 2.85 12.24 8.44
C ALA A 32 2.51 11.24 7.33
N TYR A 33 2.85 9.99 7.52
CA TYR A 33 2.55 8.98 6.46
C TYR A 33 1.66 7.87 7.04
N LEU A 34 0.64 7.50 6.32
CA LEU A 34 -0.27 6.42 6.82
C LEU A 34 0.29 5.04 6.49
N LYS A 35 -0.32 4.01 7.00
CA LYS A 35 0.16 2.63 6.71
C LYS A 35 -1.03 1.70 6.44
N TRP A 36 -0.98 0.96 5.38
CA TRP A 36 -2.12 0.04 5.07
C TRP A 36 -1.69 -1.41 5.28
N ILE A 37 -2.59 -2.32 5.04
CA ILE A 37 -2.25 -3.76 5.20
C ILE A 37 -3.19 -4.63 4.36
N CYS A 38 -2.64 -5.51 3.58
CA CYS A 38 -3.50 -6.38 2.72
C CYS A 38 -4.07 -7.53 3.55
N ILE A 39 -5.30 -7.39 4.00
CA ILE A 39 -5.92 -8.49 4.80
C ILE A 39 -5.88 -9.81 4.01
N THR A 40 -5.73 -9.72 2.71
CA THR A 40 -5.67 -10.96 1.88
C THR A 40 -4.30 -11.63 2.04
N CYS A 41 -3.29 -10.86 2.34
CA CYS A 41 -1.92 -11.45 2.49
C CYS A 41 -1.37 -11.19 3.89
N GLY A 42 -1.41 -9.96 4.34
CA GLY A 42 -0.88 -9.65 5.69
C GLY A 42 0.37 -8.77 5.55
N HIS A 43 0.54 -8.13 4.43
CA HIS A 43 1.73 -7.25 4.24
C HIS A 43 1.35 -5.78 4.46
N ILE A 44 1.96 -5.13 5.42
CA ILE A 44 1.61 -3.71 5.68
C ILE A 44 2.35 -2.78 4.71
N TYR A 45 1.65 -1.83 4.16
CA TYR A 45 2.29 -0.88 3.21
C TYR A 45 2.78 0.36 3.95
N ASP A 46 4.04 0.68 3.81
CA ASP A 46 4.59 1.89 4.48
C ASP A 46 4.65 3.06 3.50
N GLU A 47 3.74 3.99 3.60
CA GLU A 47 3.72 5.15 2.67
C GLU A 47 5.12 5.79 2.58
N ALA A 48 5.91 5.63 3.60
CA ALA A 48 7.28 6.21 3.57
C ALA A 48 8.29 5.17 3.12
N LEU A 49 7.84 4.16 2.42
CA LEU A 49 8.76 3.10 1.95
C LEU A 49 8.01 2.08 1.08
N GLY A 50 7.54 2.50 -0.06
CA GLY A 50 6.78 1.58 -0.95
C GLY A 50 7.74 0.60 -1.63
N ASP A 51 7.51 0.32 -2.88
CA ASP A 51 8.40 -0.64 -3.61
C ASP A 51 9.34 0.12 -4.54
N GLU A 52 10.27 -0.58 -5.13
CA GLU A 52 11.22 0.08 -6.07
C GLU A 52 10.86 -0.25 -7.52
N ALA A 53 10.19 -1.35 -7.74
CA ALA A 53 9.80 -1.74 -9.12
C ALA A 53 8.53 -1.00 -9.54
N GLU A 54 7.68 -0.68 -8.60
CA GLU A 54 6.42 0.02 -8.96
C GLU A 54 6.64 1.55 -8.98
N GLY A 55 7.86 1.99 -8.97
CA GLY A 55 8.12 3.46 -8.99
C GLY A 55 7.52 4.09 -7.73
N PHE A 56 7.43 3.35 -6.66
CA PHE A 56 6.84 3.89 -5.42
C PHE A 56 7.93 4.59 -4.59
N THR A 57 8.27 5.79 -4.95
CA THR A 57 9.33 6.53 -4.21
C THR A 57 8.91 6.74 -2.75
N PRO A 58 9.89 6.88 -1.88
CA PRO A 58 9.61 7.09 -0.44
C PRO A 58 8.80 8.37 -0.23
N GLY A 59 7.62 8.26 0.31
CA GLY A 59 6.78 9.46 0.55
C GLY A 59 5.54 9.40 -0.35
N THR A 60 4.98 8.24 -0.53
CA THR A 60 3.77 8.12 -1.39
C THR A 60 2.55 7.71 -0.55
N ARG A 61 1.46 8.39 -0.70
CA ARG A 61 0.25 8.04 0.09
C ARG A 61 -0.82 7.41 -0.82
N PHE A 62 -1.53 6.43 -0.33
CA PHE A 62 -2.58 5.78 -1.16
C PHE A 62 -3.47 6.83 -1.82
N GLU A 63 -3.88 7.82 -1.10
CA GLU A 63 -4.73 8.90 -1.71
C GLU A 63 -4.03 9.47 -2.94
N ASP A 64 -2.73 9.33 -3.01
CA ASP A 64 -1.99 9.85 -4.20
C ASP A 64 -1.54 8.69 -5.09
N ILE A 65 -2.18 7.57 -4.99
CA ILE A 65 -1.80 6.40 -5.84
C ILE A 65 -2.97 5.96 -6.73
N PRO A 66 -3.30 6.78 -7.70
CA PRO A 66 -4.42 6.46 -8.61
C PRO A 66 -3.97 5.55 -9.76
N ASP A 67 -2.80 4.98 -9.66
CA ASP A 67 -2.30 4.09 -10.76
C ASP A 67 -2.71 2.63 -10.52
N ASP A 68 -3.83 2.42 -9.87
CA ASP A 68 -4.27 1.02 -9.63
C ASP A 68 -3.15 0.19 -8.99
N TRP A 69 -2.48 0.74 -8.02
CA TRP A 69 -1.39 -0.03 -7.35
C TRP A 69 -1.90 -1.39 -6.90
N CYS A 70 -1.05 -2.39 -6.83
CA CYS A 70 -1.51 -3.73 -6.42
C CYS A 70 -0.59 -4.33 -5.36
N CYS A 71 -0.75 -5.59 -5.06
CA CYS A 71 0.12 -6.24 -4.05
C CYS A 71 1.46 -6.67 -4.66
N PRO A 72 2.43 -6.93 -3.82
CA PRO A 72 3.76 -7.35 -4.31
C PRO A 72 3.66 -8.74 -4.96
N ASP A 73 2.82 -9.58 -4.44
CA ASP A 73 2.66 -10.95 -5.01
C ASP A 73 1.24 -11.46 -4.81
N CYS A 74 0.28 -10.73 -5.30
CA CYS A 74 -1.15 -11.14 -5.12
C CYS A 74 -1.94 -10.85 -6.39
N GLY A 75 -1.94 -9.63 -6.84
CA GLY A 75 -2.70 -9.27 -8.06
C GLY A 75 -4.12 -8.85 -7.68
N ALA A 76 -4.26 -8.08 -6.63
CA ALA A 76 -5.61 -7.63 -6.21
C ALA A 76 -5.69 -6.10 -6.20
N THR A 77 -6.86 -5.55 -6.02
CA THR A 77 -7.00 -4.08 -5.99
C THR A 77 -6.89 -3.55 -4.56
N LYS A 78 -7.15 -2.28 -4.36
CA LYS A 78 -7.08 -1.72 -2.99
C LYS A 78 -8.11 -2.40 -2.08
N GLU A 79 -9.07 -3.08 -2.65
CA GLU A 79 -10.10 -3.76 -1.82
C GLU A 79 -9.43 -4.68 -0.79
N ASP A 80 -8.37 -5.34 -1.18
CA ASP A 80 -7.67 -6.24 -0.23
C ASP A 80 -6.83 -5.43 0.75
N TYR A 81 -6.52 -4.21 0.42
CA TYR A 81 -5.69 -3.38 1.33
C TYR A 81 -6.57 -2.50 2.22
N VAL A 82 -6.33 -2.52 3.49
CA VAL A 82 -7.16 -1.69 4.42
C VAL A 82 -6.26 -0.79 5.27
N LEU A 83 -6.84 0.10 6.02
CA LEU A 83 -6.02 1.01 6.87
C LEU A 83 -5.56 0.28 8.13
N TYR A 84 -4.28 0.10 8.29
CA TYR A 84 -3.76 -0.62 9.49
C TYR A 84 -3.96 0.21 10.75
N GLU A 85 -4.35 -0.41 11.83
CA GLU A 85 -4.56 0.34 13.11
C GLU A 85 -5.43 1.58 12.87
N GLU A 86 -6.72 1.44 13.04
CA GLU A 86 -7.63 2.60 12.83
C GLU A 86 -7.21 3.76 13.74
N LYS A 87 -6.76 4.85 13.17
CA LYS A 87 -6.33 6.01 14.01
C LYS A 87 -5.30 5.57 15.05
CD CD B . -2.52 -9.38 -1.09
N ALA A 32 2.19 13.43 8.99
CA ALA A 32 2.82 12.10 9.18
C ALA A 32 2.46 11.16 8.04
N TYR A 33 2.89 9.93 8.09
CA TYR A 33 2.56 8.97 7.01
C TYR A 33 1.79 7.78 7.56
N LEU A 34 0.84 7.29 6.81
CA LEU A 34 0.04 6.12 7.29
C LEU A 34 0.38 4.86 6.51
N LYS A 35 0.09 3.71 7.05
CA LYS A 35 0.38 2.45 6.32
C LYS A 35 -0.93 1.74 5.95
N TRP A 36 -0.90 0.85 5.00
CA TRP A 36 -2.16 0.15 4.60
C TRP A 36 -1.96 -1.36 4.61
N ILE A 37 -2.88 -2.08 5.19
CA ILE A 37 -2.74 -3.57 5.24
C ILE A 37 -3.66 -4.25 4.22
N CYS A 38 -3.19 -5.28 3.59
CA CYS A 38 -4.03 -6.01 2.61
C CYS A 38 -4.78 -7.16 3.30
N ILE A 39 -6.03 -6.98 3.59
CA ILE A 39 -6.80 -8.06 4.27
C ILE A 39 -6.72 -9.36 3.47
N THR A 40 -6.40 -9.28 2.21
CA THR A 40 -6.32 -10.51 1.37
C THR A 40 -5.16 -11.40 1.82
N CYS A 41 -4.05 -10.82 2.22
CA CYS A 41 -2.89 -11.65 2.64
C CYS A 41 -2.33 -11.16 3.99
N GLY A 42 -2.36 -9.88 4.23
CA GLY A 42 -1.82 -9.37 5.52
C GLY A 42 -0.50 -8.63 5.26
N HIS A 43 -0.44 -7.85 4.21
CA HIS A 43 0.82 -7.11 3.91
C HIS A 43 0.64 -5.63 4.26
N ILE A 44 1.53 -5.09 5.05
CA ILE A 44 1.41 -3.66 5.45
C ILE A 44 2.21 -2.76 4.51
N TYR A 45 1.62 -1.70 4.04
CA TYR A 45 2.35 -0.76 3.13
C TYR A 45 2.89 0.41 3.95
N ASP A 46 4.13 0.75 3.76
CA ASP A 46 4.73 1.88 4.51
C ASP A 46 4.81 3.11 3.62
N GLU A 47 3.94 4.06 3.80
CA GLU A 47 3.95 5.28 2.96
C GLU A 47 5.35 5.92 2.95
N ALA A 48 6.13 5.65 3.97
CA ALA A 48 7.51 6.21 4.01
C ALA A 48 8.50 5.31 3.29
N LEU A 49 8.02 4.34 2.54
CA LEU A 49 8.94 3.43 1.81
C LEU A 49 8.12 2.45 0.97
N GLY A 50 7.47 2.93 -0.06
CA GLY A 50 6.62 2.05 -0.90
C GLY A 50 7.48 0.99 -1.59
N ASP A 51 7.20 0.71 -2.83
CA ASP A 51 7.97 -0.33 -3.57
C ASP A 51 9.18 0.29 -4.26
N GLU A 52 10.11 -0.52 -4.67
CA GLU A 52 11.31 0.01 -5.37
C GLU A 52 11.25 -0.33 -6.86
N ALA A 53 10.65 -1.44 -7.20
CA ALA A 53 10.53 -1.83 -8.63
C ALA A 53 9.57 -0.89 -9.35
N GLU A 54 8.37 -0.75 -8.84
CA GLU A 54 7.39 0.17 -9.49
C GLU A 54 7.93 1.59 -9.52
N GLY A 55 8.77 1.94 -8.58
CA GLY A 55 9.34 3.31 -8.55
C GLY A 55 8.60 4.15 -7.50
N PHE A 56 8.07 3.52 -6.48
CA PHE A 56 7.34 4.30 -5.44
C PHE A 56 8.31 5.21 -4.69
N THR A 57 8.60 6.36 -5.24
CA THR A 57 9.54 7.29 -4.57
C THR A 57 9.15 7.51 -3.10
N PRO A 58 10.14 7.69 -2.27
CA PRO A 58 9.87 7.90 -0.82
C PRO A 58 8.92 9.10 -0.63
N GLY A 59 7.77 8.86 -0.09
CA GLY A 59 6.80 9.98 0.14
C GLY A 59 5.56 9.75 -0.71
N THR A 60 5.27 8.53 -1.06
CA THR A 60 4.06 8.25 -1.88
C THR A 60 2.90 7.79 -0.98
N ARG A 61 1.85 8.55 -0.93
CA ARG A 61 0.70 8.17 -0.06
C ARG A 61 -0.36 7.41 -0.87
N PHE A 62 -0.98 6.43 -0.28
CA PHE A 62 -2.03 5.66 -1.01
C PHE A 62 -3.05 6.61 -1.63
N GLU A 63 -3.22 7.77 -1.05
CA GLU A 63 -4.19 8.75 -1.63
C GLU A 63 -3.85 8.99 -3.11
N ASP A 64 -2.60 8.96 -3.46
CA ASP A 64 -2.21 9.16 -4.87
C ASP A 64 -2.17 7.82 -5.61
N ILE A 65 -2.62 6.75 -4.98
CA ILE A 65 -2.64 5.42 -5.66
C ILE A 65 -4.04 5.13 -6.19
N PRO A 66 -4.26 5.42 -7.45
CA PRO A 66 -5.60 5.18 -8.06
C PRO A 66 -5.97 3.70 -8.03
N ASP A 67 -5.43 2.92 -8.94
CA ASP A 67 -5.77 1.47 -8.98
C ASP A 67 -4.67 0.67 -9.68
N ASP A 68 -4.07 1.22 -10.71
CA ASP A 68 -3.01 0.48 -11.45
C ASP A 68 -2.02 -0.20 -10.49
N TRP A 69 -1.82 0.37 -9.34
CA TRP A 69 -0.87 -0.25 -8.36
C TRP A 69 -1.54 -1.46 -7.70
N CYS A 70 -0.80 -2.53 -7.53
CA CYS A 70 -1.39 -3.74 -6.90
C CYS A 70 -0.53 -4.20 -5.73
N CYS A 71 -0.85 -5.30 -5.13
CA CYS A 71 -0.04 -5.80 -3.98
C CYS A 71 1.20 -6.53 -4.48
N PRO A 72 2.32 -6.31 -3.83
CA PRO A 72 3.58 -6.96 -4.25
C PRO A 72 3.55 -8.46 -3.90
N ASP A 73 2.66 -8.87 -3.04
CA ASP A 73 2.60 -10.30 -2.65
C ASP A 73 1.31 -10.97 -3.18
N CYS A 74 0.47 -10.24 -3.85
CA CYS A 74 -0.78 -10.85 -4.37
C CYS A 74 -1.06 -10.35 -5.79
N GLY A 75 -1.38 -9.10 -5.94
CA GLY A 75 -1.68 -8.56 -7.29
C GLY A 75 -3.19 -8.31 -7.42
N ALA A 76 -3.83 -7.97 -6.34
CA ALA A 76 -5.30 -7.72 -6.40
C ALA A 76 -5.59 -6.23 -6.57
N THR A 77 -6.83 -5.84 -6.42
CA THR A 77 -7.19 -4.41 -6.58
C THR A 77 -7.02 -3.66 -5.26
N LYS A 78 -7.28 -2.37 -5.26
CA LYS A 78 -7.14 -1.59 -4.00
C LYS A 78 -8.18 -2.05 -2.97
N GLU A 79 -9.24 -2.66 -3.43
CA GLU A 79 -10.29 -3.14 -2.49
C GLU A 79 -9.67 -4.12 -1.47
N ASP A 80 -8.54 -4.67 -1.78
CA ASP A 80 -7.89 -5.63 -0.83
C ASP A 80 -7.09 -4.88 0.24
N TYR A 81 -6.82 -3.61 0.02
CA TYR A 81 -6.02 -2.85 1.03
C TYR A 81 -6.93 -2.00 1.92
N VAL A 82 -6.56 -1.85 3.16
CA VAL A 82 -7.38 -1.01 4.08
C VAL A 82 -6.45 -0.30 5.08
N LEU A 83 -6.96 0.70 5.76
CA LEU A 83 -6.10 1.44 6.72
C LEU A 83 -5.78 0.57 7.94
N TYR A 84 -4.52 0.45 8.27
CA TYR A 84 -4.14 -0.38 9.46
C TYR A 84 -4.14 0.47 10.73
N GLU A 85 -4.60 -0.06 11.82
CA GLU A 85 -4.63 0.74 13.09
C GLU A 85 -4.90 -0.18 14.28
N GLU A 86 -3.87 -0.74 14.85
CA GLU A 86 -4.06 -1.64 16.02
C GLU A 86 -4.16 -0.82 17.31
N LYS A 87 -4.51 -1.45 18.40
CA LYS A 87 -4.62 -0.70 19.68
C LYS A 87 -3.27 -0.65 20.41
CD CD B . -2.05 -8.60 -0.73
N ALA A 32 2.34 13.02 8.53
CA ALA A 32 2.17 11.66 9.09
C ALA A 32 1.81 10.67 7.98
N TYR A 33 2.75 9.87 7.56
CA TYR A 33 2.47 8.90 6.48
C TYR A 33 1.55 7.78 7.00
N LEU A 34 0.58 7.40 6.23
CA LEU A 34 -0.35 6.32 6.68
C LEU A 34 0.20 4.95 6.28
N LYS A 35 -0.53 3.92 6.57
CA LYS A 35 -0.05 2.55 6.20
C LYS A 35 -1.25 1.68 5.77
N TRP A 36 -1.05 0.79 4.85
CA TRP A 36 -2.15 -0.08 4.40
C TRP A 36 -1.72 -1.55 4.41
N ILE A 37 -2.42 -2.39 5.12
CA ILE A 37 -2.04 -3.82 5.16
C ILE A 37 -3.00 -4.66 4.33
N CYS A 38 -2.49 -5.55 3.52
CA CYS A 38 -3.38 -6.41 2.70
C CYS A 38 -3.94 -7.56 3.54
N ILE A 39 -5.12 -7.40 4.07
CA ILE A 39 -5.71 -8.48 4.91
C ILE A 39 -5.70 -9.81 4.14
N THR A 40 -5.64 -9.73 2.83
CA THR A 40 -5.62 -10.98 2.02
C THR A 40 -4.23 -11.63 2.09
N CYS A 41 -3.21 -10.85 2.29
CA CYS A 41 -1.84 -11.41 2.35
C CYS A 41 -1.23 -11.23 3.75
N GLY A 42 -1.26 -10.04 4.26
CA GLY A 42 -0.67 -9.80 5.61
C GLY A 42 0.56 -8.88 5.48
N HIS A 43 0.67 -8.18 4.38
CA HIS A 43 1.84 -7.27 4.19
C HIS A 43 1.42 -5.83 4.46
N ILE A 44 2.17 -5.11 5.24
CA ILE A 44 1.81 -3.70 5.56
C ILE A 44 2.53 -2.73 4.62
N TYR A 45 1.84 -1.74 4.13
CA TYR A 45 2.49 -0.75 3.23
C TYR A 45 2.85 0.51 4.01
N ASP A 46 4.05 0.99 3.85
CA ASP A 46 4.46 2.23 4.56
C ASP A 46 4.60 3.39 3.56
N GLU A 47 3.73 4.36 3.62
CA GLU A 47 3.79 5.49 2.66
C GLU A 47 5.21 6.08 2.63
N ALA A 48 5.96 5.90 3.69
CA ALA A 48 7.35 6.42 3.70
C ALA A 48 8.33 5.32 3.25
N LEU A 49 7.84 4.29 2.61
CA LEU A 49 8.72 3.19 2.15
C LEU A 49 7.90 2.16 1.37
N GLY A 50 7.43 2.52 0.21
CA GLY A 50 6.58 1.59 -0.57
C GLY A 50 7.46 0.58 -1.31
N ASP A 51 7.14 0.30 -2.55
CA ASP A 51 7.94 -0.68 -3.33
C ASP A 51 9.24 -0.06 -3.84
N GLU A 52 10.21 -0.86 -4.15
CA GLU A 52 11.50 -0.31 -4.67
C GLU A 52 11.61 -0.52 -6.18
N ALA A 53 11.05 -1.60 -6.67
CA ALA A 53 11.10 -1.86 -8.13
C ALA A 53 10.03 -1.04 -8.86
N GLU A 54 8.83 -1.03 -8.34
CA GLU A 54 7.75 -0.24 -8.99
C GLU A 54 8.15 1.23 -9.08
N GLY A 55 8.86 1.71 -8.10
CA GLY A 55 9.29 3.14 -8.12
C GLY A 55 8.52 3.92 -7.05
N PHE A 56 7.99 3.25 -6.06
CA PHE A 56 7.24 3.97 -5.00
C PHE A 56 8.20 4.81 -4.17
N THR A 57 8.59 5.95 -4.68
CA THR A 57 9.53 6.83 -3.94
C THR A 57 8.99 7.11 -2.52
N PRO A 58 9.91 7.34 -1.61
CA PRO A 58 9.51 7.63 -0.21
C PRO A 58 8.60 8.85 -0.15
N GLY A 59 7.38 8.69 0.27
CA GLY A 59 6.44 9.84 0.35
C GLY A 59 5.16 9.49 -0.40
N THR A 60 5.23 8.58 -1.34
CA THR A 60 4.01 8.20 -2.11
C THR A 60 2.87 7.82 -1.15
N ARG A 61 1.70 8.35 -1.37
CA ARG A 61 0.56 8.02 -0.48
C ARG A 61 -0.53 7.26 -1.25
N PHE A 62 -1.21 6.36 -0.60
CA PHE A 62 -2.28 5.60 -1.31
C PHE A 62 -3.25 6.56 -2.02
N GLU A 63 -3.46 7.72 -1.45
CA GLU A 63 -4.37 8.70 -2.09
C GLU A 63 -3.93 8.96 -3.53
N ASP A 64 -2.68 9.25 -3.74
CA ASP A 64 -2.19 9.48 -5.12
C ASP A 64 -2.16 8.17 -5.91
N ILE A 65 -2.41 7.06 -5.25
CA ILE A 65 -2.41 5.75 -5.97
C ILE A 65 -3.84 5.28 -6.21
N PRO A 66 -4.37 5.57 -7.37
CA PRO A 66 -5.76 5.18 -7.70
C PRO A 66 -5.87 3.65 -7.85
N ASP A 67 -5.64 3.11 -9.02
CA ASP A 67 -5.76 1.63 -9.19
C ASP A 67 -4.56 1.04 -9.93
N ASP A 68 -3.81 1.85 -10.62
CA ASP A 68 -2.63 1.32 -11.38
C ASP A 68 -1.77 0.41 -10.48
N TRP A 69 -1.34 0.91 -9.36
CA TRP A 69 -0.52 0.09 -8.44
C TRP A 69 -1.37 -1.03 -7.80
N CYS A 70 -0.74 -2.06 -7.32
CA CYS A 70 -1.51 -3.17 -6.69
C CYS A 70 -0.60 -4.03 -5.82
N CYS A 71 -1.15 -5.00 -5.15
CA CYS A 71 -0.31 -5.89 -4.30
C CYS A 71 0.87 -6.44 -5.12
N PRO A 72 1.98 -6.70 -4.44
CA PRO A 72 3.17 -7.22 -5.14
C PRO A 72 2.89 -8.60 -5.75
N ASP A 73 1.99 -9.34 -5.17
CA ASP A 73 1.66 -10.69 -5.72
C ASP A 73 0.21 -11.06 -5.41
N CYS A 74 -0.72 -10.24 -5.84
CA CYS A 74 -2.15 -10.53 -5.55
C CYS A 74 -3.03 -9.92 -6.64
N GLY A 75 -2.77 -8.69 -7.00
CA GLY A 75 -3.58 -8.02 -8.06
C GLY A 75 -5.02 -7.85 -7.55
N ALA A 76 -5.19 -7.45 -6.33
CA ALA A 76 -6.56 -7.25 -5.78
C ALA A 76 -6.82 -5.79 -5.46
N THR A 77 -6.23 -4.92 -6.22
CA THR A 77 -6.42 -3.45 -6.00
C THR A 77 -6.35 -3.11 -4.50
N LYS A 78 -6.99 -2.05 -4.11
CA LYS A 78 -6.97 -1.64 -2.68
C LYS A 78 -8.01 -2.45 -1.88
N GLU A 79 -8.90 -3.13 -2.56
CA GLU A 79 -9.93 -3.93 -1.84
C GLU A 79 -9.29 -4.80 -0.75
N ASP A 80 -8.26 -5.52 -1.09
CA ASP A 80 -7.59 -6.38 -0.06
C ASP A 80 -6.72 -5.53 0.86
N TYR A 81 -6.41 -4.32 0.48
CA TYR A 81 -5.58 -3.45 1.35
C TYR A 81 -6.46 -2.57 2.24
N VAL A 82 -6.12 -2.46 3.49
CA VAL A 82 -6.93 -1.61 4.41
C VAL A 82 -6.02 -0.68 5.21
N LEU A 83 -6.52 0.47 5.57
CA LEU A 83 -5.69 1.42 6.35
C LEU A 83 -5.32 0.83 7.71
N TYR A 84 -4.05 0.78 8.02
CA TYR A 84 -3.63 0.22 9.34
C TYR A 84 -3.99 1.18 10.47
N GLU A 85 -5.06 0.93 11.16
CA GLU A 85 -5.46 1.83 12.28
C GLU A 85 -6.04 1.02 13.43
N GLU A 86 -5.30 0.83 14.48
CA GLU A 86 -5.81 0.06 15.64
C GLU A 86 -6.70 0.94 16.52
N LYS A 87 -7.11 0.44 17.65
CA LYS A 87 -7.98 1.25 18.55
C LYS A 87 -8.18 0.54 19.89
CD CD B . -2.62 -9.27 -1.17
N ALA A 32 2.93 12.56 9.69
CA ALA A 32 3.13 11.10 9.91
C ALA A 32 2.59 10.29 8.73
N TYR A 33 3.41 9.48 8.13
CA TYR A 33 2.95 8.68 6.97
C TYR A 33 2.11 7.48 7.44
N LEU A 34 1.06 7.18 6.75
CA LEU A 34 0.19 6.03 7.15
C LEU A 34 0.67 4.75 6.47
N LYS A 35 0.12 3.62 6.86
CA LYS A 35 0.53 2.34 6.22
C LYS A 35 -0.72 1.50 5.94
N TRP A 36 -0.63 0.57 5.02
CA TRP A 36 -1.82 -0.26 4.69
C TRP A 36 -1.48 -1.74 4.77
N ILE A 37 -2.33 -2.54 5.34
CA ILE A 37 -2.03 -4.01 5.42
C ILE A 37 -2.91 -4.79 4.45
N CYS A 38 -2.33 -5.74 3.77
CA CYS A 38 -3.11 -6.55 2.80
C CYS A 38 -3.85 -7.67 3.52
N ILE A 39 -5.10 -7.46 3.85
CA ILE A 39 -5.87 -8.54 4.55
C ILE A 39 -5.85 -9.83 3.71
N THR A 40 -5.57 -9.71 2.43
CA THR A 40 -5.50 -10.92 1.57
C THR A 40 -4.18 -11.66 1.80
N CYS A 41 -3.16 -10.96 2.20
CA CYS A 41 -1.85 -11.62 2.43
C CYS A 41 -1.36 -11.37 3.86
N GLY A 42 -1.27 -10.13 4.26
CA GLY A 42 -0.80 -9.84 5.66
C GLY A 42 0.48 -8.99 5.60
N HIS A 43 0.66 -8.23 4.57
CA HIS A 43 1.88 -7.37 4.46
C HIS A 43 1.50 -5.90 4.63
N ILE A 44 2.35 -5.14 5.27
CA ILE A 44 2.03 -3.69 5.48
C ILE A 44 2.73 -2.82 4.44
N TYR A 45 2.08 -1.76 4.05
CA TYR A 45 2.69 -0.82 3.05
C TYR A 45 3.15 0.45 3.76
N ASP A 46 4.34 0.90 3.47
CA ASP A 46 4.84 2.14 4.13
C ASP A 46 4.72 3.32 3.17
N GLU A 47 3.79 4.20 3.42
CA GLU A 47 3.62 5.39 2.52
C GLU A 47 4.96 6.10 2.30
N ALA A 48 5.87 5.97 3.23
CA ALA A 48 7.19 6.63 3.07
C ALA A 48 8.24 5.63 2.59
N LEU A 49 7.81 4.53 2.03
CA LEU A 49 8.78 3.50 1.54
C LEU A 49 8.04 2.35 0.86
N GLY A 50 7.48 2.58 -0.28
CA GLY A 50 6.74 1.49 -1.00
C GLY A 50 7.73 0.38 -1.37
N ASP A 51 7.63 -0.12 -2.57
CA ASP A 51 8.54 -1.22 -3.00
C ASP A 51 9.71 -0.67 -3.83
N GLU A 52 10.67 -1.50 -4.14
CA GLU A 52 11.81 -1.02 -4.96
C GLU A 52 11.52 -1.25 -6.45
N ALA A 53 10.65 -2.18 -6.75
CA ALA A 53 10.31 -2.44 -8.18
C ALA A 53 9.17 -1.52 -8.62
N GLU A 54 8.23 -1.27 -7.75
CA GLU A 54 7.10 -0.37 -8.11
C GLU A 54 7.61 1.06 -8.33
N GLY A 55 8.74 1.38 -7.77
CA GLY A 55 9.29 2.75 -7.93
C GLY A 55 8.54 3.71 -7.02
N PHE A 56 8.08 3.23 -5.89
CA PHE A 56 7.33 4.11 -4.95
C PHE A 56 8.30 5.10 -4.29
N THR A 57 8.62 6.17 -4.96
CA THR A 57 9.55 7.17 -4.37
C THR A 57 9.14 7.52 -2.93
N PRO A 58 10.11 7.71 -2.08
CA PRO A 58 9.83 8.05 -0.66
C PRO A 58 8.90 9.26 -0.57
N GLY A 59 7.67 9.04 -0.18
CA GLY A 59 6.71 10.17 -0.08
C GLY A 59 5.46 9.87 -0.90
N THR A 60 4.94 8.68 -0.81
CA THR A 60 3.72 8.33 -1.58
C THR A 60 2.62 7.86 -0.64
N ARG A 61 1.41 8.32 -0.87
CA ARG A 61 0.27 7.89 0.00
C ARG A 61 -0.83 7.25 -0.84
N PHE A 62 -1.49 6.25 -0.32
CA PHE A 62 -2.59 5.59 -1.10
C PHE A 62 -3.53 6.64 -1.69
N GLU A 63 -3.99 7.58 -0.88
CA GLU A 63 -4.88 8.64 -1.40
C GLU A 63 -4.23 9.31 -2.61
N ASP A 64 -2.92 9.30 -2.67
CA ASP A 64 -2.23 9.89 -3.83
C ASP A 64 -1.84 8.80 -4.83
N ILE A 65 -2.44 7.64 -4.73
CA ILE A 65 -2.12 6.55 -5.68
C ILE A 65 -3.39 6.06 -6.39
N PRO A 66 -3.96 6.92 -7.21
CA PRO A 66 -5.22 6.56 -7.92
C PRO A 66 -4.91 5.79 -9.22
N ASP A 67 -3.72 5.31 -9.39
CA ASP A 67 -3.38 4.57 -10.64
C ASP A 67 -3.70 3.08 -10.50
N ASP A 68 -4.83 2.76 -9.91
CA ASP A 68 -5.21 1.33 -9.74
C ASP A 68 -4.04 0.50 -9.18
N TRP A 69 -3.18 1.13 -8.41
CA TRP A 69 -2.03 0.39 -7.84
C TRP A 69 -2.51 -0.86 -7.09
N CYS A 70 -1.69 -1.87 -7.03
CA CYS A 70 -2.10 -3.11 -6.31
C CYS A 70 -0.87 -3.79 -5.70
N CYS A 71 -1.01 -5.01 -5.25
CA CYS A 71 0.14 -5.72 -4.65
C CYS A 71 1.05 -6.26 -5.77
N PRO A 72 2.21 -6.74 -5.38
CA PRO A 72 3.16 -7.30 -6.38
C PRO A 72 2.50 -8.43 -7.15
N ASP A 73 1.88 -9.35 -6.46
CA ASP A 73 1.21 -10.50 -7.14
C ASP A 73 0.53 -11.40 -6.10
N CYS A 74 -0.35 -10.86 -5.31
CA CYS A 74 -1.04 -11.69 -4.28
C CYS A 74 -2.31 -11.01 -3.76
N GLY A 75 -2.30 -9.72 -3.63
CA GLY A 75 -3.51 -9.02 -3.14
C GLY A 75 -4.34 -8.51 -4.32
N ALA A 76 -3.69 -7.97 -5.32
CA ALA A 76 -4.42 -7.47 -6.52
C ALA A 76 -5.46 -6.41 -6.12
N THR A 77 -5.93 -5.65 -7.06
CA THR A 77 -6.97 -4.61 -6.77
C THR A 77 -6.61 -3.82 -5.50
N LYS A 78 -7.57 -3.17 -4.91
CA LYS A 78 -7.29 -2.38 -3.67
C LYS A 78 -8.18 -2.86 -2.52
N GLU A 79 -9.28 -3.49 -2.82
CA GLU A 79 -10.17 -3.97 -1.73
C GLU A 79 -9.41 -4.85 -0.74
N ASP A 80 -8.38 -5.51 -1.20
CA ASP A 80 -7.58 -6.37 -0.29
C ASP A 80 -6.71 -5.51 0.63
N TYR A 81 -6.50 -4.27 0.28
CA TYR A 81 -5.65 -3.39 1.14
C TYR A 81 -6.52 -2.53 2.06
N VAL A 82 -6.14 -2.42 3.30
CA VAL A 82 -6.93 -1.59 4.26
C VAL A 82 -5.98 -0.73 5.10
N LEU A 83 -6.48 0.28 5.74
CA LEU A 83 -5.61 1.15 6.57
C LEU A 83 -5.28 0.47 7.89
N TYR A 84 -4.02 0.23 8.14
CA TYR A 84 -3.63 -0.44 9.42
C TYR A 84 -4.06 0.41 10.62
N GLU A 85 -4.58 -0.22 11.64
CA GLU A 85 -5.01 0.54 12.85
C GLU A 85 -5.93 1.70 12.44
N GLU A 86 -7.21 1.47 12.41
CA GLU A 86 -8.16 2.55 12.03
C GLU A 86 -8.73 3.23 13.27
N LYS A 87 -7.94 4.02 13.94
CA LYS A 87 -8.43 4.72 15.16
C LYS A 87 -9.40 5.84 14.78
CD CD B . -1.12 -8.85 -1.16
N ALA A 32 2.55 13.83 7.32
CA ALA A 32 2.23 12.55 8.01
C ALA A 32 1.98 11.43 7.00
N TYR A 33 2.21 10.21 7.37
CA TYR A 33 1.98 9.08 6.41
C TYR A 33 1.17 7.98 7.08
N LEU A 34 0.17 7.48 6.40
CA LEU A 34 -0.66 6.39 7.00
C LEU A 34 -0.08 5.02 6.62
N LYS A 35 -0.54 3.98 7.26
CA LYS A 35 -0.02 2.63 6.94
C LYS A 35 -1.17 1.67 6.64
N TRP A 36 -1.13 1.02 5.50
CA TRP A 36 -2.21 0.07 5.14
C TRP A 36 -1.70 -1.37 5.27
N ILE A 37 -2.54 -2.32 5.01
CA ILE A 37 -2.10 -3.74 5.06
C ILE A 37 -3.02 -4.61 4.21
N CYS A 38 -2.46 -5.37 3.31
CA CYS A 38 -3.31 -6.27 2.48
C CYS A 38 -3.77 -7.46 3.32
N ILE A 39 -4.92 -7.33 3.95
CA ILE A 39 -5.41 -8.45 4.81
C ILE A 39 -5.40 -9.77 4.03
N THR A 40 -5.44 -9.69 2.73
CA THR A 40 -5.42 -10.93 1.91
C THR A 40 -4.17 -11.76 2.19
N CYS A 41 -3.10 -11.13 2.59
CA CYS A 41 -1.85 -11.90 2.86
C CYS A 41 -1.16 -11.41 4.14
N GLY A 42 -1.20 -10.13 4.41
CA GLY A 42 -0.55 -9.63 5.66
C GLY A 42 0.60 -8.67 5.31
N HIS A 43 0.60 -8.13 4.12
CA HIS A 43 1.69 -7.19 3.74
C HIS A 43 1.32 -5.76 4.11
N ILE A 44 2.04 -5.16 5.03
CA ILE A 44 1.72 -3.77 5.44
C ILE A 44 2.36 -2.76 4.48
N TYR A 45 1.58 -1.84 3.98
CA TYR A 45 2.15 -0.81 3.07
C TYR A 45 2.58 0.42 3.88
N ASP A 46 3.83 0.78 3.82
CA ASP A 46 4.30 1.96 4.59
C ASP A 46 4.39 3.17 3.66
N GLU A 47 3.45 4.07 3.75
CA GLU A 47 3.47 5.28 2.87
C GLU A 47 4.85 5.93 2.85
N ALA A 48 5.61 5.76 3.89
CA ALA A 48 6.97 6.37 3.92
C ALA A 48 8.02 5.38 3.41
N LEU A 49 7.60 4.36 2.71
CA LEU A 49 8.58 3.36 2.18
C LEU A 49 7.86 2.34 1.30
N GLY A 50 7.39 2.75 0.15
CA GLY A 50 6.67 1.80 -0.74
C GLY A 50 7.67 0.86 -1.40
N ASP A 51 7.44 0.50 -2.64
CA ASP A 51 8.36 -0.42 -3.34
C ASP A 51 9.37 0.37 -4.17
N GLU A 52 10.43 -0.26 -4.60
CA GLU A 52 11.45 0.46 -5.41
C GLU A 52 11.29 0.11 -6.89
N ALA A 53 11.07 -1.13 -7.19
CA ALA A 53 10.90 -1.54 -8.62
C ALA A 53 9.67 -0.86 -9.22
N GLU A 54 8.54 -0.95 -8.57
CA GLU A 54 7.31 -0.31 -9.08
C GLU A 54 7.54 1.20 -9.28
N GLY A 55 8.50 1.75 -8.60
CA GLY A 55 8.76 3.21 -8.73
C GLY A 55 8.07 3.95 -7.57
N PHE A 56 7.81 3.26 -6.50
CA PHE A 56 7.14 3.91 -5.34
C PHE A 56 8.16 4.64 -4.47
N THR A 57 8.58 5.80 -4.89
CA THR A 57 9.60 6.56 -4.12
C THR A 57 9.21 6.65 -2.63
N PRO A 58 10.19 6.75 -1.79
CA PRO A 58 9.93 6.84 -0.33
C PRO A 58 9.09 8.07 0.00
N GLY A 59 7.81 7.98 -0.20
CA GLY A 59 6.92 9.15 0.09
C GLY A 59 5.67 9.04 -0.78
N THR A 60 5.11 7.87 -0.90
CA THR A 60 3.89 7.70 -1.73
C THR A 60 2.69 7.35 -0.86
N ARG A 61 1.58 7.99 -1.08
CA ARG A 61 0.37 7.70 -0.27
C ARG A 61 -0.69 7.01 -1.12
N PHE A 62 -1.45 6.13 -0.53
CA PHE A 62 -2.51 5.43 -1.32
C PHE A 62 -3.40 6.44 -2.04
N GLU A 63 -3.74 7.51 -1.37
CA GLU A 63 -4.60 8.55 -2.01
C GLU A 63 -4.00 9.00 -3.35
N ASP A 64 -2.71 9.21 -3.37
CA ASP A 64 -2.06 9.63 -4.65
C ASP A 64 -1.84 8.43 -5.57
N ILE A 65 -2.27 7.26 -5.16
CA ILE A 65 -2.08 6.05 -6.03
C ILE A 65 -3.42 5.64 -6.65
N PRO A 66 -3.70 6.19 -7.81
CA PRO A 66 -4.97 5.86 -8.50
C PRO A 66 -4.97 4.42 -8.99
N ASP A 67 -5.95 4.04 -9.77
CA ASP A 67 -6.00 2.64 -10.28
C ASP A 67 -4.77 2.34 -11.13
N ASP A 68 -3.78 1.70 -10.55
CA ASP A 68 -2.55 1.38 -11.33
C ASP A 68 -1.60 0.55 -10.47
N TRP A 69 -1.53 0.82 -9.20
CA TRP A 69 -0.62 0.04 -8.31
C TRP A 69 -1.34 -1.17 -7.73
N CYS A 70 -0.66 -2.28 -7.61
CA CYS A 70 -1.30 -3.49 -7.05
C CYS A 70 -0.39 -4.14 -6.01
N CYS A 71 -0.76 -5.29 -5.50
CA CYS A 71 0.09 -5.96 -4.47
C CYS A 71 1.20 -6.76 -5.15
N PRO A 72 2.27 -6.99 -4.43
CA PRO A 72 3.42 -7.75 -4.99
C PRO A 72 3.14 -9.26 -4.98
N ASP A 73 2.04 -9.69 -4.41
CA ASP A 73 1.75 -11.14 -4.37
C ASP A 73 0.25 -11.41 -4.49
N CYS A 74 -0.50 -10.47 -4.99
CA CYS A 74 -1.97 -10.68 -5.13
C CYS A 74 -2.49 -10.05 -6.42
N GLY A 75 -2.13 -8.82 -6.66
CA GLY A 75 -2.60 -8.13 -7.90
C GLY A 75 -4.07 -7.71 -7.72
N ALA A 76 -4.45 -7.36 -6.53
CA ALA A 76 -5.86 -6.94 -6.29
C ALA A 76 -5.95 -5.41 -6.18
N THR A 77 -7.11 -4.91 -5.82
CA THR A 77 -7.26 -3.44 -5.69
C THR A 77 -7.09 -3.00 -4.24
N LYS A 78 -7.36 -1.76 -3.94
CA LYS A 78 -7.23 -1.28 -2.54
C LYS A 78 -8.16 -2.07 -1.62
N GLU A 79 -9.15 -2.73 -2.16
CA GLU A 79 -10.08 -3.50 -1.32
C GLU A 79 -9.31 -4.48 -0.43
N ASP A 80 -8.30 -5.12 -0.96
CA ASP A 80 -7.50 -6.07 -0.15
C ASP A 80 -6.69 -5.30 0.90
N TYR A 81 -6.42 -4.04 0.64
CA TYR A 81 -5.64 -3.23 1.61
C TYR A 81 -6.57 -2.49 2.55
N VAL A 82 -6.23 -2.45 3.81
CA VAL A 82 -7.09 -1.72 4.80
C VAL A 82 -6.23 -0.77 5.64
N LEU A 83 -6.85 0.17 6.31
CA LEU A 83 -6.05 1.11 7.14
C LEU A 83 -5.47 0.39 8.36
N TYR A 84 -4.19 0.18 8.36
CA TYR A 84 -3.56 -0.54 9.51
C TYR A 84 -3.74 0.24 10.81
N GLU A 85 -3.98 -0.45 11.89
CA GLU A 85 -4.16 0.25 13.20
C GLU A 85 -5.21 1.36 13.07
N GLU A 86 -6.45 1.04 13.32
CA GLU A 86 -7.52 2.09 13.22
C GLU A 86 -7.80 2.69 14.59
N LYS A 87 -6.80 3.19 15.25
CA LYS A 87 -7.01 3.79 16.60
C LYS A 87 -7.73 2.78 17.51
CD CD B . -1.41 -8.90 -0.85
N ALA A 32 3.75 13.14 8.69
CA ALA A 32 3.43 11.72 9.01
C ALA A 32 3.04 10.95 7.74
N TYR A 33 2.94 9.66 7.84
CA TYR A 33 2.58 8.86 6.63
C TYR A 33 1.60 7.74 7.02
N LEU A 34 0.56 7.56 6.25
CA LEU A 34 -0.43 6.49 6.58
C LEU A 34 0.06 5.12 6.08
N LYS A 35 -0.56 4.07 6.54
CA LYS A 35 -0.15 2.71 6.09
C LYS A 35 -1.37 1.87 5.73
N TRP A 36 -1.22 0.93 4.84
CA TRP A 36 -2.39 0.09 4.42
C TRP A 36 -1.99 -1.38 4.42
N ILE A 37 -2.71 -2.22 5.09
CA ILE A 37 -2.35 -3.66 5.11
C ILE A 37 -3.25 -4.47 4.17
N CYS A 38 -2.67 -5.33 3.38
CA CYS A 38 -3.47 -6.17 2.48
C CYS A 38 -4.07 -7.35 3.26
N ILE A 39 -5.29 -7.21 3.71
CA ILE A 39 -5.91 -8.31 4.50
C ILE A 39 -5.87 -9.63 3.71
N THR A 40 -5.71 -9.56 2.42
CA THR A 40 -5.68 -10.79 1.60
C THR A 40 -4.48 -11.66 1.97
N CYS A 41 -3.42 -11.07 2.45
CA CYS A 41 -2.22 -11.89 2.80
C CYS A 41 -1.66 -11.48 4.17
N GLY A 42 -1.70 -10.23 4.51
CA GLY A 42 -1.15 -9.80 5.84
C GLY A 42 0.10 -8.95 5.63
N HIS A 43 0.13 -8.15 4.60
CA HIS A 43 1.32 -7.29 4.36
C HIS A 43 0.98 -5.82 4.57
N ILE A 44 1.76 -5.12 5.35
CA ILE A 44 1.46 -3.68 5.61
C ILE A 44 2.18 -2.78 4.62
N TYR A 45 1.58 -1.68 4.26
CA TYR A 45 2.22 -0.73 3.31
C TYR A 45 2.65 0.53 4.06
N ASP A 46 3.88 0.93 3.89
CA ASP A 46 4.37 2.15 4.59
C ASP A 46 4.49 3.31 3.59
N GLU A 47 3.60 4.26 3.66
CA GLU A 47 3.65 5.41 2.73
C GLU A 47 5.06 6.02 2.70
N ALA A 48 5.81 5.84 3.74
CA ALA A 48 7.21 6.40 3.76
C ALA A 48 8.19 5.42 3.15
N LEU A 49 7.72 4.41 2.46
CA LEU A 49 8.64 3.43 1.84
C LEU A 49 7.83 2.42 1.01
N GLY A 50 7.25 2.85 -0.06
CA GLY A 50 6.44 1.94 -0.91
C GLY A 50 7.33 0.84 -1.49
N ASP A 51 7.07 0.45 -2.71
CA ASP A 51 7.89 -0.63 -3.34
C ASP A 51 8.93 -0.03 -4.28
N GLU A 52 9.90 -0.80 -4.68
CA GLU A 52 10.96 -0.27 -5.59
C GLU A 52 10.78 -0.84 -7.00
N ALA A 53 10.08 -1.93 -7.13
CA ALA A 53 9.87 -2.53 -8.48
C ALA A 53 8.78 -1.79 -9.23
N GLU A 54 7.76 -1.35 -8.55
CA GLU A 54 6.66 -0.61 -9.22
C GLU A 54 7.04 0.85 -9.44
N GLY A 55 8.09 1.32 -8.81
CA GLY A 55 8.49 2.74 -8.97
C GLY A 55 7.80 3.58 -7.88
N PHE A 56 7.52 2.98 -6.76
CA PHE A 56 6.85 3.73 -5.66
C PHE A 56 7.89 4.49 -4.84
N THR A 57 8.27 5.65 -5.30
CA THR A 57 9.29 6.45 -4.55
C THR A 57 8.91 6.57 -3.07
N PRO A 58 9.91 6.52 -2.21
CA PRO A 58 9.64 6.62 -0.76
C PRO A 58 8.81 7.86 -0.43
N GLY A 59 7.57 7.69 -0.06
CA GLY A 59 6.72 8.86 0.27
C GLY A 59 5.36 8.74 -0.43
N THR A 60 5.24 7.85 -1.38
CA THR A 60 3.95 7.71 -2.11
C THR A 60 2.79 7.54 -1.12
N ARG A 61 1.75 8.31 -1.27
CA ARG A 61 0.58 8.18 -0.34
C ARG A 61 -0.60 7.56 -1.08
N PHE A 62 -1.26 6.60 -0.49
CA PHE A 62 -2.42 5.93 -1.16
C PHE A 62 -3.36 6.98 -1.77
N GLU A 63 -3.78 7.94 -0.98
CA GLU A 63 -4.70 8.99 -1.51
C GLU A 63 -4.12 9.58 -2.78
N ASP A 64 -2.83 9.74 -2.84
CA ASP A 64 -2.20 10.29 -4.06
C ASP A 64 -1.92 9.16 -5.07
N ILE A 65 -2.43 7.98 -4.81
CA ILE A 65 -2.19 6.85 -5.77
C ILE A 65 -3.51 6.46 -6.45
N PRO A 66 -3.98 7.30 -7.34
CA PRO A 66 -5.24 7.02 -8.07
C PRO A 66 -5.02 5.89 -9.07
N ASP A 67 -3.80 5.66 -9.47
CA ASP A 67 -3.52 4.57 -10.46
C ASP A 67 -4.08 3.24 -9.96
N ASP A 68 -3.77 2.17 -10.65
CA ASP A 68 -4.29 0.84 -10.22
C ASP A 68 -3.20 0.05 -9.48
N TRP A 69 -2.47 0.70 -8.61
CA TRP A 69 -1.40 -0.02 -7.87
C TRP A 69 -1.95 -1.28 -7.21
N CYS A 70 -1.17 -2.32 -7.14
CA CYS A 70 -1.66 -3.58 -6.52
C CYS A 70 -0.64 -4.12 -5.51
N CYS A 71 -0.80 -5.33 -5.06
CA CYS A 71 0.15 -5.91 -4.07
C CYS A 71 1.35 -6.54 -4.79
N PRO A 72 2.51 -6.41 -4.20
CA PRO A 72 3.73 -6.98 -4.81
C PRO A 72 3.82 -8.49 -4.58
N ASP A 73 3.07 -9.00 -3.65
CA ASP A 73 3.13 -10.46 -3.37
C ASP A 73 1.85 -11.16 -3.86
N CYS A 74 0.76 -10.47 -3.88
CA CYS A 74 -0.51 -11.10 -4.35
C CYS A 74 -0.82 -10.70 -5.78
N GLY A 75 -1.21 -9.46 -5.98
CA GLY A 75 -1.54 -9.00 -7.36
C GLY A 75 -3.02 -8.57 -7.42
N ALA A 76 -3.55 -8.10 -6.32
CA ALA A 76 -4.98 -7.67 -6.33
C ALA A 76 -5.07 -6.14 -6.38
N THR A 77 -6.25 -5.60 -6.26
CA THR A 77 -6.40 -4.12 -6.32
C THR A 77 -6.45 -3.54 -4.90
N LYS A 78 -6.76 -2.29 -4.78
CA LYS A 78 -6.85 -1.65 -3.43
C LYS A 78 -7.94 -2.34 -2.60
N GLU A 79 -8.82 -3.08 -3.23
CA GLU A 79 -9.91 -3.75 -2.47
C GLU A 79 -9.32 -4.68 -1.40
N ASP A 80 -8.14 -5.20 -1.64
CA ASP A 80 -7.52 -6.10 -0.64
C ASP A 80 -6.74 -5.31 0.41
N TYR A 81 -6.44 -4.06 0.13
CA TYR A 81 -5.68 -3.23 1.10
C TYR A 81 -6.63 -2.42 1.98
N VAL A 82 -6.34 -2.34 3.25
CA VAL A 82 -7.21 -1.56 4.17
C VAL A 82 -6.36 -0.65 5.06
N LEU A 83 -6.95 0.33 5.68
CA LEU A 83 -6.16 1.25 6.54
C LEU A 83 -5.80 0.55 7.86
N TYR A 84 -4.54 0.37 8.11
CA TYR A 84 -4.13 -0.30 9.38
C TYR A 84 -4.49 0.56 10.59
N GLU A 85 -5.33 0.05 11.45
CA GLU A 85 -5.72 0.83 12.66
C GLU A 85 -5.17 0.18 13.92
N GLU A 86 -4.86 0.95 14.93
CA GLU A 86 -4.31 0.36 16.18
C GLU A 86 -5.45 0.04 17.16
N LYS A 87 -5.78 -1.21 17.32
CA LYS A 87 -6.88 -1.58 18.26
C LYS A 87 -6.35 -2.51 19.35
CD CD B . -1.45 -8.99 -0.60
N ALA A 32 5.45 9.71 10.40
CA ALA A 32 5.21 8.24 10.43
C ALA A 32 4.41 7.80 9.21
N TYR A 33 3.70 8.70 8.59
CA TYR A 33 2.91 8.37 7.37
C TYR A 33 1.89 7.25 7.66
N LEU A 34 0.83 7.22 6.93
CA LEU A 34 -0.21 6.18 7.16
C LEU A 34 0.34 4.79 6.82
N LYS A 35 -0.37 3.76 7.17
CA LYS A 35 0.09 2.38 6.86
C LYS A 35 -1.10 1.48 6.55
N TRP A 36 -1.07 0.79 5.45
CA TRP A 36 -2.21 -0.10 5.09
C TRP A 36 -1.81 -1.56 5.26
N ILE A 37 -2.73 -2.45 5.10
CA ILE A 37 -2.38 -3.90 5.21
C ILE A 37 -3.27 -4.74 4.30
N CYS A 38 -2.69 -5.49 3.42
CA CYS A 38 -3.49 -6.35 2.51
C CYS A 38 -4.14 -7.48 3.31
N ILE A 39 -5.37 -7.31 3.72
CA ILE A 39 -6.05 -8.38 4.51
C ILE A 39 -5.96 -9.71 3.76
N THR A 40 -5.78 -9.66 2.47
CA THR A 40 -5.69 -10.90 1.66
C THR A 40 -4.50 -11.76 2.11
N CYS A 41 -3.37 -11.16 2.33
CA CYS A 41 -2.17 -11.95 2.77
C CYS A 41 -1.62 -11.43 4.09
N GLY A 42 -1.72 -10.16 4.33
CA GLY A 42 -1.19 -9.60 5.61
C GLY A 42 0.07 -8.78 5.34
N HIS A 43 0.15 -8.17 4.19
CA HIS A 43 1.35 -7.33 3.88
C HIS A 43 1.07 -5.87 4.21
N ILE A 44 1.74 -5.34 5.19
CA ILE A 44 1.49 -3.92 5.57
C ILE A 44 2.25 -2.96 4.63
N TYR A 45 1.56 -2.00 4.08
CA TYR A 45 2.22 -1.03 3.16
C TYR A 45 2.68 0.20 3.95
N ASP A 46 3.91 0.60 3.74
CA ASP A 46 4.44 1.80 4.46
C ASP A 46 4.41 3.02 3.53
N GLU A 47 3.48 3.91 3.73
CA GLU A 47 3.41 5.11 2.86
C GLU A 47 4.75 5.84 2.83
N ALA A 48 5.54 5.72 3.86
CA ALA A 48 6.87 6.39 3.87
C ALA A 48 7.95 5.46 3.33
N LEU A 49 7.56 4.44 2.62
CA LEU A 49 8.56 3.48 2.06
C LEU A 49 7.86 2.43 1.20
N GLY A 50 7.29 2.84 0.11
CA GLY A 50 6.56 1.87 -0.77
C GLY A 50 7.56 0.89 -1.39
N ASP A 51 7.34 0.52 -2.62
CA ASP A 51 8.24 -0.45 -3.28
C ASP A 51 9.31 0.27 -4.10
N GLU A 52 10.25 -0.46 -4.65
CA GLU A 52 11.31 0.18 -5.46
C GLU A 52 11.13 -0.18 -6.94
N ALA A 53 10.65 -1.36 -7.21
CA ALA A 53 10.45 -1.78 -8.64
C ALA A 53 9.46 -0.85 -9.33
N GLU A 54 8.25 -0.77 -8.84
CA GLU A 54 7.24 0.12 -9.47
C GLU A 54 7.71 1.58 -9.40
N GLY A 55 8.65 1.88 -8.55
CA GLY A 55 9.14 3.29 -8.45
C GLY A 55 8.35 4.02 -7.37
N PHE A 56 7.95 3.32 -6.34
CA PHE A 56 7.17 3.96 -5.25
C PHE A 56 8.12 4.69 -4.30
N THR A 57 8.59 5.85 -4.70
CA THR A 57 9.52 6.63 -3.84
C THR A 57 8.95 6.79 -2.43
N PRO A 58 9.83 6.91 -1.46
CA PRO A 58 9.38 7.08 -0.06
C PRO A 58 8.50 8.33 0.07
N GLY A 59 7.30 8.17 0.58
CA GLY A 59 6.40 9.34 0.73
C GLY A 59 5.18 9.18 -0.19
N THR A 60 4.86 7.96 -0.55
CA THR A 60 3.68 7.74 -1.44
C THR A 60 2.45 7.42 -0.61
N ARG A 61 1.33 8.02 -0.95
CA ARG A 61 0.08 7.76 -0.19
C ARG A 61 -0.91 6.97 -1.03
N PHE A 62 -1.57 6.01 -0.44
CA PHE A 62 -2.56 5.20 -1.21
C PHE A 62 -3.53 6.11 -1.97
N GLU A 63 -3.81 7.27 -1.44
CA GLU A 63 -4.74 8.20 -2.14
C GLU A 63 -4.18 8.59 -3.50
N ASP A 64 -2.98 9.10 -3.54
CA ASP A 64 -2.37 9.50 -4.83
C ASP A 64 -2.21 8.28 -5.74
N ILE A 65 -2.04 7.12 -5.16
CA ILE A 65 -1.87 5.89 -5.98
C ILE A 65 -3.19 5.55 -6.70
N PRO A 66 -3.18 5.68 -8.02
CA PRO A 66 -4.40 5.38 -8.81
C PRO A 66 -4.76 3.90 -8.73
N ASP A 67 -5.43 3.38 -9.73
CA ASP A 67 -5.79 1.94 -9.71
C ASP A 67 -4.74 1.10 -10.42
N ASP A 68 -3.82 1.72 -11.13
CA ASP A 68 -2.77 0.95 -11.83
C ASP A 68 -1.94 0.14 -10.83
N TRP A 69 -1.43 0.79 -9.80
CA TRP A 69 -0.62 0.07 -8.79
C TRP A 69 -1.41 -1.10 -8.19
N CYS A 70 -0.75 -1.95 -7.46
CA CYS A 70 -1.46 -3.11 -6.85
C CYS A 70 -0.57 -3.78 -5.80
N CYS A 71 -0.86 -5.00 -5.45
CA CYS A 71 -0.04 -5.71 -4.43
C CYS A 71 1.15 -6.41 -5.10
N PRO A 72 2.26 -6.44 -4.42
CA PRO A 72 3.48 -7.07 -4.97
C PRO A 72 3.46 -8.58 -4.74
N ASP A 73 2.37 -9.14 -4.29
CA ASP A 73 2.33 -10.61 -4.04
C ASP A 73 0.90 -11.15 -4.20
N CYS A 74 0.04 -10.42 -4.84
CA CYS A 74 -1.35 -10.91 -5.03
C CYS A 74 -1.89 -10.46 -6.39
N GLY A 75 -2.20 -9.20 -6.54
CA GLY A 75 -2.72 -8.71 -7.84
C GLY A 75 -4.11 -8.08 -7.63
N ALA A 76 -4.30 -7.40 -6.52
CA ALA A 76 -5.62 -6.78 -6.26
C ALA A 76 -5.46 -5.26 -6.07
N THR A 77 -6.56 -4.57 -5.92
CA THR A 77 -6.49 -3.09 -5.72
C THR A 77 -6.65 -2.75 -4.24
N LYS A 78 -6.95 -1.52 -3.94
CA LYS A 78 -7.14 -1.14 -2.50
C LYS A 78 -8.20 -2.05 -1.86
N GLU A 79 -9.05 -2.65 -2.66
CA GLU A 79 -10.08 -3.56 -2.09
C GLU A 79 -9.42 -4.62 -1.20
N ASP A 80 -8.19 -4.95 -1.49
CA ASP A 80 -7.47 -5.95 -0.65
C ASP A 80 -6.70 -5.23 0.47
N TYR A 81 -6.42 -3.97 0.29
CA TYR A 81 -5.67 -3.22 1.33
C TYR A 81 -6.64 -2.43 2.22
N VAL A 82 -6.40 -2.44 3.51
CA VAL A 82 -7.28 -1.67 4.43
C VAL A 82 -6.44 -0.74 5.31
N LEU A 83 -6.96 0.39 5.69
CA LEU A 83 -6.18 1.32 6.54
C LEU A 83 -5.88 0.68 7.89
N TYR A 84 -4.63 0.46 8.18
CA TYR A 84 -4.27 -0.18 9.48
C TYR A 84 -4.51 0.80 10.63
N GLU A 85 -5.38 0.46 11.54
CA GLU A 85 -5.66 1.36 12.69
C GLU A 85 -4.65 1.11 13.81
N GLU A 86 -3.80 2.06 14.07
CA GLU A 86 -2.78 1.89 15.15
C GLU A 86 -3.10 2.82 16.32
N LYS A 87 -3.02 2.32 17.53
CA LYS A 87 -3.30 3.18 18.71
C LYS A 87 -2.39 4.40 18.71
CD CD B . -1.48 -9.03 -0.87
N ALA A 32 0.34 12.46 8.70
CA ALA A 32 0.82 12.74 7.32
C ALA A 32 0.77 11.47 6.47
N TYR A 33 1.48 10.45 6.87
CA TYR A 33 1.48 9.19 6.08
C TYR A 33 0.68 8.10 6.81
N LEU A 34 -0.05 7.31 6.08
CA LEU A 34 -0.86 6.23 6.72
C LEU A 34 -0.27 4.86 6.42
N LYS A 35 -0.76 3.84 7.07
CA LYS A 35 -0.22 2.47 6.82
C LYS A 35 -1.37 1.51 6.49
N TRP A 36 -1.30 0.85 5.37
CA TRP A 36 -2.38 -0.10 4.99
C TRP A 36 -1.94 -1.54 5.28
N ILE A 37 -2.83 -2.49 5.15
CA ILE A 37 -2.46 -3.91 5.39
C ILE A 37 -3.26 -4.83 4.47
N CYS A 38 -2.59 -5.67 3.73
CA CYS A 38 -3.33 -6.62 2.84
C CYS A 38 -3.98 -7.71 3.67
N ILE A 39 -5.19 -7.50 4.12
CA ILE A 39 -5.88 -8.55 4.93
C ILE A 39 -5.80 -9.91 4.23
N THR A 40 -5.66 -9.89 2.93
CA THR A 40 -5.54 -11.15 2.16
C THR A 40 -4.14 -11.75 2.34
N CYS A 41 -3.15 -10.93 2.57
CA CYS A 41 -1.77 -11.45 2.74
C CYS A 41 -1.29 -11.25 4.18
N GLY A 42 -1.35 -10.03 4.65
CA GLY A 42 -0.89 -9.75 6.05
C GLY A 42 0.34 -8.84 6.00
N HIS A 43 0.54 -8.14 4.91
CA HIS A 43 1.71 -7.22 4.81
C HIS A 43 1.26 -5.78 4.97
N ILE A 44 1.99 -5.01 5.74
CA ILE A 44 1.59 -3.58 5.95
C ILE A 44 2.31 -2.67 4.95
N TYR A 45 1.57 -1.82 4.29
CA TYR A 45 2.21 -0.87 3.33
C TYR A 45 2.40 0.49 4.01
N ASP A 46 3.56 1.06 3.88
CA ASP A 46 3.81 2.38 4.53
C ASP A 46 3.96 3.47 3.47
N GLU A 47 3.01 4.37 3.40
CA GLU A 47 3.08 5.46 2.38
C GLU A 47 4.44 6.17 2.43
N ALA A 48 5.12 6.10 3.54
CA ALA A 48 6.45 6.77 3.63
C ALA A 48 7.56 5.89 3.06
N LEU A 49 7.21 4.79 2.44
CA LEU A 49 8.24 3.89 1.86
C LEU A 49 7.56 2.73 1.13
N GLY A 50 6.91 3.01 0.03
CA GLY A 50 6.20 1.94 -0.71
C GLY A 50 7.21 0.94 -1.28
N ASP A 51 6.99 0.51 -2.49
CA ASP A 51 7.91 -0.48 -3.10
C ASP A 51 8.89 0.19 -4.06
N GLU A 52 9.85 -0.54 -4.55
CA GLU A 52 10.85 0.06 -5.49
C GLU A 52 10.55 -0.37 -6.93
N ALA A 53 10.01 -1.56 -7.10
CA ALA A 53 9.69 -2.03 -8.47
C ALA A 53 8.49 -1.26 -9.04
N GLU A 54 7.44 -1.17 -8.29
CA GLU A 54 6.24 -0.43 -8.76
C GLU A 54 6.59 1.04 -9.03
N GLY A 55 7.68 1.51 -8.49
CA GLY A 55 8.07 2.93 -8.70
C GLY A 55 7.54 3.78 -7.54
N PHE A 56 7.29 3.18 -6.41
CA PHE A 56 6.77 3.95 -5.26
C PHE A 56 7.91 4.63 -4.51
N THR A 57 8.41 5.71 -5.03
CA THR A 57 9.53 6.43 -4.36
C THR A 57 9.13 6.85 -2.94
N PRO A 58 10.13 7.02 -2.10
CA PRO A 58 9.86 7.43 -0.70
C PRO A 58 8.99 8.70 -0.67
N GLY A 59 7.79 8.58 -0.19
CA GLY A 59 6.90 9.77 -0.14
C GLY A 59 5.66 9.52 -1.00
N THR A 60 5.20 8.30 -1.04
CA THR A 60 3.99 7.98 -1.87
C THR A 60 2.86 7.49 -0.97
N ARG A 61 1.74 8.16 -1.01
CA ARG A 61 0.58 7.73 -0.17
C ARG A 61 -0.52 7.13 -1.05
N PHE A 62 -1.28 6.22 -0.51
CA PHE A 62 -2.37 5.58 -1.31
C PHE A 62 -3.21 6.64 -2.05
N GLU A 63 -3.53 7.72 -1.39
CA GLU A 63 -4.35 8.78 -2.04
C GLU A 63 -3.64 9.33 -3.27
N ASP A 64 -2.36 9.56 -3.19
CA ASP A 64 -1.62 10.11 -4.35
C ASP A 64 -1.32 9.00 -5.37
N ILE A 65 -1.27 7.78 -4.91
CA ILE A 65 -0.98 6.66 -5.84
C ILE A 65 -2.11 6.53 -6.89
N PRO A 66 -1.79 6.84 -8.13
CA PRO A 66 -2.80 6.71 -9.20
C PRO A 66 -3.15 5.24 -9.42
N ASP A 67 -3.94 4.95 -10.41
CA ASP A 67 -4.30 3.52 -10.66
C ASP A 67 -3.09 2.74 -11.15
N ASP A 68 -3.30 1.64 -11.83
CA ASP A 68 -2.16 0.82 -12.35
C ASP A 68 -1.35 0.21 -11.20
N TRP A 69 -1.82 0.30 -9.99
CA TRP A 69 -1.06 -0.30 -8.85
C TRP A 69 -1.79 -1.53 -8.30
N CYS A 70 -1.11 -2.32 -7.52
CA CYS A 70 -1.77 -3.54 -6.95
C CYS A 70 -0.92 -4.14 -5.84
N CYS A 71 -1.15 -5.37 -5.49
CA CYS A 71 -0.35 -6.01 -4.42
C CYS A 71 0.89 -6.70 -5.01
N PRO A 72 1.99 -6.60 -4.31
CA PRO A 72 3.25 -7.21 -4.81
C PRO A 72 3.20 -8.75 -4.73
N ASP A 73 2.18 -9.30 -4.14
CA ASP A 73 2.11 -10.78 -4.01
C ASP A 73 0.78 -11.33 -4.53
N CYS A 74 -0.17 -10.48 -4.84
CA CYS A 74 -1.47 -10.99 -5.35
C CYS A 74 -1.78 -10.39 -6.71
N GLY A 75 -2.17 -9.15 -6.75
CA GLY A 75 -2.49 -8.51 -8.06
C GLY A 75 -3.95 -8.03 -8.05
N ALA A 76 -4.43 -7.59 -6.92
CA ALA A 76 -5.84 -7.12 -6.85
C ALA A 76 -5.88 -5.61 -6.57
N THR A 77 -7.05 -5.03 -6.54
CA THR A 77 -7.15 -3.57 -6.27
C THR A 77 -6.85 -3.28 -4.79
N LYS A 78 -7.22 -2.13 -4.31
CA LYS A 78 -6.96 -1.79 -2.89
C LYS A 78 -7.94 -2.53 -1.97
N GLU A 79 -8.88 -3.26 -2.52
CA GLU A 79 -9.85 -4.01 -1.66
C GLU A 79 -9.10 -4.87 -0.64
N ASP A 80 -8.03 -5.50 -1.05
CA ASP A 80 -7.27 -6.35 -0.09
C ASP A 80 -6.52 -5.46 0.90
N TYR A 81 -6.22 -4.25 0.53
CA TYR A 81 -5.49 -3.33 1.45
C TYR A 81 -6.48 -2.55 2.32
N VAL A 82 -6.24 -2.51 3.60
CA VAL A 82 -7.16 -1.75 4.50
C VAL A 82 -6.36 -0.81 5.40
N LEU A 83 -7.00 0.19 5.95
CA LEU A 83 -6.27 1.14 6.84
C LEU A 83 -5.77 0.43 8.09
N TYR A 84 -4.47 0.38 8.27
CA TYR A 84 -3.92 -0.31 9.49
C TYR A 84 -4.09 0.58 10.72
N GLU A 85 -4.70 0.07 11.75
CA GLU A 85 -4.88 0.88 12.98
C GLU A 85 -4.72 0.00 14.23
N GLU A 86 -4.46 0.60 15.36
CA GLU A 86 -4.29 -0.20 16.60
C GLU A 86 -5.33 0.20 17.65
N LYS A 87 -6.47 -0.45 17.63
CA LYS A 87 -7.53 -0.10 18.62
C LYS A 87 -7.82 1.41 18.60
CD CD B . -1.82 -9.46 -1.08
N ALA A 32 3.94 10.76 9.99
CA ALA A 32 2.45 10.78 9.86
C ALA A 32 2.01 9.96 8.65
N TYR A 33 2.85 9.08 8.18
CA TYR A 33 2.47 8.26 6.99
C TYR A 33 1.49 7.16 7.39
N LEU A 34 0.48 6.95 6.58
CA LEU A 34 -0.51 5.89 6.92
C LEU A 34 0.01 4.51 6.50
N LYS A 35 -0.65 3.47 6.95
CA LYS A 35 -0.20 2.10 6.57
C LYS A 35 -1.41 1.22 6.26
N TRP A 36 -1.44 0.63 5.09
CA TRP A 36 -2.59 -0.23 4.72
C TRP A 36 -2.24 -1.71 4.91
N ILE A 37 -3.16 -2.51 5.36
CA ILE A 37 -2.85 -3.96 5.52
C ILE A 37 -3.58 -4.76 4.44
N CYS A 38 -2.88 -5.60 3.74
CA CYS A 38 -3.54 -6.45 2.71
C CYS A 38 -4.28 -7.60 3.41
N ILE A 39 -5.49 -7.38 3.83
CA ILE A 39 -6.25 -8.46 4.53
C ILE A 39 -6.18 -9.76 3.73
N THR A 40 -5.94 -9.68 2.45
CA THR A 40 -5.85 -10.91 1.63
C THR A 40 -4.65 -11.75 2.04
N CYS A 41 -3.59 -11.13 2.50
CA CYS A 41 -2.38 -11.92 2.87
C CYS A 41 -1.70 -11.41 4.15
N GLY A 42 -2.01 -10.22 4.61
CA GLY A 42 -1.37 -9.73 5.86
C GLY A 42 -0.29 -8.69 5.53
N HIS A 43 0.31 -8.78 4.37
CA HIS A 43 1.37 -7.79 4.00
C HIS A 43 0.87 -6.37 4.20
N ILE A 44 1.67 -5.52 4.78
CA ILE A 44 1.22 -4.12 5.02
C ILE A 44 2.00 -3.15 4.12
N TYR A 45 1.32 -2.14 3.63
CA TYR A 45 1.99 -1.11 2.79
C TYR A 45 2.36 0.09 3.65
N ASP A 46 3.60 0.46 3.69
CA ASP A 46 4.01 1.64 4.51
C ASP A 46 4.25 2.85 3.61
N GLU A 47 3.38 3.82 3.67
CA GLU A 47 3.55 5.03 2.83
C GLU A 47 4.97 5.58 2.93
N ALA A 48 5.64 5.32 4.02
CA ALA A 48 7.03 5.81 4.17
C ALA A 48 8.02 4.75 3.68
N LEU A 49 7.58 3.84 2.86
CA LEU A 49 8.49 2.78 2.35
C LEU A 49 7.76 1.90 1.33
N GLY A 50 7.30 2.49 0.26
CA GLY A 50 6.55 1.70 -0.76
C GLY A 50 7.49 0.71 -1.45
N ASP A 51 7.36 0.54 -2.73
CA ASP A 51 8.23 -0.42 -3.46
C ASP A 51 9.33 0.33 -4.22
N GLU A 52 10.27 -0.39 -4.78
CA GLU A 52 11.36 0.28 -5.54
C GLU A 52 11.18 0.05 -7.04
N ALA A 53 10.88 -1.15 -7.45
CA ALA A 53 10.69 -1.43 -8.89
C ALA A 53 9.62 -0.50 -9.48
N GLU A 54 8.46 -0.48 -8.90
CA GLU A 54 7.38 0.41 -9.42
C GLU A 54 7.81 1.88 -9.36
N GLY A 55 8.83 2.17 -8.60
CA GLY A 55 9.28 3.60 -8.49
C GLY A 55 8.47 4.29 -7.40
N PHE A 56 8.04 3.55 -6.41
CA PHE A 56 7.24 4.16 -5.33
C PHE A 56 8.15 4.86 -4.31
N THR A 57 8.61 6.03 -4.63
CA THR A 57 9.51 6.76 -3.70
C THR A 57 8.88 6.85 -2.30
N PRO A 58 9.72 6.87 -1.29
CA PRO A 58 9.22 6.95 0.10
C PRO A 58 8.38 8.22 0.29
N GLY A 59 7.12 8.07 0.60
CA GLY A 59 6.25 9.26 0.79
C GLY A 59 4.96 9.08 0.00
N THR A 60 4.98 8.27 -1.02
CA THR A 60 3.75 8.06 -1.83
C THR A 60 2.59 7.59 -0.95
N ARG A 61 1.46 8.23 -1.05
CA ARG A 61 0.29 7.82 -0.22
C ARG A 61 -0.76 7.12 -1.08
N PHE A 62 -1.49 6.20 -0.52
CA PHE A 62 -2.53 5.49 -1.32
C PHE A 62 -3.43 6.49 -2.05
N GLU A 63 -3.76 7.58 -1.42
CA GLU A 63 -4.63 8.59 -2.07
C GLU A 63 -4.08 8.96 -3.45
N ASP A 64 -2.81 9.19 -3.54
CA ASP A 64 -2.20 9.53 -4.85
C ASP A 64 -1.93 8.26 -5.67
N ILE A 65 -2.35 7.11 -5.17
CA ILE A 65 -2.12 5.86 -5.94
C ILE A 65 -3.43 5.35 -6.54
N PRO A 66 -3.62 5.63 -7.81
CA PRO A 66 -4.86 5.20 -8.50
C PRO A 66 -4.94 3.67 -8.54
N ASP A 67 -5.79 3.14 -9.39
CA ASP A 67 -5.91 1.66 -9.48
C ASP A 67 -4.75 1.06 -10.29
N ASP A 68 -3.89 1.88 -10.83
CA ASP A 68 -2.75 1.34 -11.62
C ASP A 68 -1.81 0.54 -10.71
N TRP A 69 -1.70 0.92 -9.47
CA TRP A 69 -0.80 0.19 -8.53
C TRP A 69 -1.52 -1.04 -7.97
N CYS A 70 -0.79 -1.93 -7.35
CA CYS A 70 -1.43 -3.15 -6.78
C CYS A 70 -0.56 -3.76 -5.69
N CYS A 71 -0.76 -5.01 -5.38
CA CYS A 71 0.05 -5.67 -4.32
C CYS A 71 1.22 -6.43 -4.94
N PRO A 72 2.35 -6.37 -4.29
CA PRO A 72 3.56 -7.07 -4.81
C PRO A 72 3.51 -8.57 -4.51
N ASP A 73 2.48 -9.04 -3.84
CA ASP A 73 2.40 -10.49 -3.53
C ASP A 73 1.02 -11.05 -3.87
N CYS A 74 0.23 -10.32 -4.61
CA CYS A 74 -1.12 -10.84 -4.98
C CYS A 74 -1.53 -10.32 -6.37
N GLY A 75 -1.83 -9.06 -6.48
CA GLY A 75 -2.23 -8.50 -7.80
C GLY A 75 -3.63 -7.90 -7.71
N ALA A 76 -3.98 -7.35 -6.57
CA ALA A 76 -5.34 -6.76 -6.43
C ALA A 76 -5.24 -5.24 -6.27
N THR A 77 -6.34 -4.60 -5.94
CA THR A 77 -6.32 -3.13 -5.75
C THR A 77 -6.44 -2.79 -4.27
N LYS A 78 -6.78 -1.57 -3.95
CA LYS A 78 -6.93 -1.19 -2.52
C LYS A 78 -7.98 -2.10 -1.86
N GLU A 79 -8.83 -2.72 -2.64
CA GLU A 79 -9.86 -3.62 -2.05
C GLU A 79 -9.22 -4.61 -1.08
N ASP A 80 -8.07 -5.15 -1.44
CA ASP A 80 -7.39 -6.11 -0.54
C ASP A 80 -6.68 -5.36 0.59
N TYR A 81 -6.38 -4.11 0.38
CA TYR A 81 -5.68 -3.34 1.43
C TYR A 81 -6.70 -2.55 2.26
N VAL A 82 -6.53 -2.52 3.55
CA VAL A 82 -7.48 -1.77 4.41
C VAL A 82 -6.74 -0.71 5.24
N LEU A 83 -7.43 0.26 5.74
CA LEU A 83 -6.76 1.31 6.54
C LEU A 83 -6.35 0.75 7.91
N TYR A 84 -5.09 0.43 8.06
CA TYR A 84 -4.62 -0.13 9.35
C TYR A 84 -4.68 0.93 10.45
N GLU A 85 -4.68 0.52 11.69
CA GLU A 85 -4.74 1.50 12.81
C GLU A 85 -3.32 1.95 13.18
N GLU A 86 -3.21 3.09 13.82
CA GLU A 86 -1.86 3.58 14.21
C GLU A 86 -1.20 2.60 15.19
N LYS A 87 -0.03 2.93 15.66
CA LYS A 87 0.66 2.01 16.61
C LYS A 87 1.53 2.82 17.58
CD CD B . -1.37 -9.07 -0.93
N ALA A 32 2.19 11.84 9.76
CA ALA A 32 1.81 12.37 8.42
C ALA A 32 1.52 11.21 7.46
N TYR A 33 2.50 10.38 7.21
CA TYR A 33 2.28 9.24 6.28
C TYR A 33 1.30 8.23 6.88
N LEU A 34 0.37 7.76 6.11
CA LEU A 34 -0.61 6.77 6.63
C LEU A 34 -0.10 5.35 6.38
N LYS A 35 -0.75 4.37 6.93
CA LYS A 35 -0.29 2.97 6.73
C LYS A 35 -1.45 2.06 6.31
N TRP A 36 -1.25 1.26 5.31
CA TRP A 36 -2.32 0.32 4.87
C TRP A 36 -1.84 -1.11 5.02
N ILE A 37 -2.67 -2.06 4.71
CA ILE A 37 -2.23 -3.48 4.79
C ILE A 37 -3.17 -4.38 4.00
N CYS A 38 -2.64 -5.15 3.09
CA CYS A 38 -3.48 -6.07 2.31
C CYS A 38 -3.99 -7.20 3.21
N ILE A 39 -5.16 -7.04 3.77
CA ILE A 39 -5.71 -8.09 4.68
C ILE A 39 -5.73 -9.44 3.97
N THR A 40 -5.69 -9.45 2.66
CA THR A 40 -5.71 -10.73 1.91
C THR A 40 -4.45 -11.56 2.20
N CYS A 41 -3.36 -10.93 2.53
CA CYS A 41 -2.11 -11.69 2.80
C CYS A 41 -1.42 -11.20 4.08
N GLY A 42 -1.46 -9.92 4.35
CA GLY A 42 -0.78 -9.42 5.59
C GLY A 42 0.40 -8.53 5.20
N HIS A 43 0.28 -7.78 4.14
CA HIS A 43 1.41 -6.89 3.72
C HIS A 43 1.09 -5.43 4.04
N ILE A 44 1.75 -4.87 5.01
CA ILE A 44 1.47 -3.45 5.39
C ILE A 44 2.19 -2.48 4.44
N TYR A 45 1.50 -1.51 3.93
CA TYR A 45 2.15 -0.51 3.05
C TYR A 45 2.51 0.74 3.86
N ASP A 46 3.73 1.17 3.80
CA ASP A 46 4.13 2.40 4.56
C ASP A 46 4.39 3.55 3.59
N GLU A 47 3.54 4.54 3.59
CA GLU A 47 3.73 5.68 2.64
C GLU A 47 5.17 6.20 2.70
N ALA A 48 5.85 5.99 3.78
CA ALA A 48 7.26 6.46 3.87
C ALA A 48 8.22 5.42 3.27
N LEU A 49 7.69 4.41 2.60
CA LEU A 49 8.57 3.37 2.01
C LEU A 49 7.73 2.37 1.21
N GLY A 50 7.15 2.81 0.13
CA GLY A 50 6.28 1.90 -0.68
C GLY A 50 7.13 0.77 -1.28
N ASP A 51 6.85 0.40 -2.49
CA ASP A 51 7.61 -0.71 -3.14
C ASP A 51 8.97 -0.20 -3.66
N GLU A 52 9.86 -1.10 -3.95
CA GLU A 52 11.19 -0.68 -4.47
C GLU A 52 11.37 -1.16 -5.92
N ALA A 53 10.69 -2.20 -6.29
CA ALA A 53 10.81 -2.71 -7.69
C ALA A 53 10.03 -1.82 -8.65
N GLU A 54 8.81 -1.50 -8.30
CA GLU A 54 7.99 -0.63 -9.18
C GLU A 54 8.55 0.79 -9.19
N GLY A 55 9.07 1.25 -8.08
CA GLY A 55 9.63 2.62 -8.03
C GLY A 55 8.75 3.51 -7.15
N PHE A 56 8.14 2.96 -6.15
CA PHE A 56 7.29 3.79 -5.26
C PHE A 56 8.16 4.69 -4.39
N THR A 57 8.59 5.80 -4.93
CA THR A 57 9.47 6.73 -4.17
C THR A 57 8.92 6.98 -2.75
N PRO A 58 9.80 7.08 -1.80
CA PRO A 58 9.38 7.33 -0.40
C PRO A 58 8.57 8.63 -0.31
N GLY A 59 7.30 8.54 -0.04
CA GLY A 59 6.47 9.78 0.06
C GLY A 59 5.13 9.54 -0.66
N THR A 60 5.10 8.65 -1.61
CA THR A 60 3.83 8.39 -2.33
C THR A 60 2.72 8.00 -1.35
N ARG A 61 1.59 8.62 -1.45
CA ARG A 61 0.47 8.29 -0.53
C ARG A 61 -0.62 7.50 -1.26
N PHE A 62 -1.21 6.53 -0.61
CA PHE A 62 -2.28 5.74 -1.28
C PHE A 62 -3.35 6.66 -1.85
N GLU A 63 -3.65 7.74 -1.18
CA GLU A 63 -4.67 8.68 -1.69
C GLU A 63 -4.31 9.12 -3.11
N ASP A 64 -3.04 9.09 -3.43
CA ASP A 64 -2.62 9.47 -4.80
C ASP A 64 -2.46 8.23 -5.68
N ILE A 65 -2.29 7.08 -5.08
CA ILE A 65 -2.16 5.83 -5.88
C ILE A 65 -3.41 5.62 -6.74
N PRO A 66 -3.26 5.69 -8.04
CA PRO A 66 -4.41 5.51 -8.95
C PRO A 66 -4.99 4.10 -8.80
N ASP A 67 -5.77 3.66 -9.75
CA ASP A 67 -6.37 2.31 -9.66
C ASP A 67 -5.52 1.28 -10.44
N ASP A 68 -4.28 1.61 -10.69
CA ASP A 68 -3.41 0.66 -11.44
C ASP A 68 -2.46 -0.06 -10.48
N TRP A 69 -2.07 0.59 -9.41
CA TRP A 69 -1.14 -0.06 -8.44
C TRP A 69 -1.85 -1.21 -7.73
N CYS A 70 -1.12 -2.24 -7.38
CA CYS A 70 -1.73 -3.39 -6.68
C CYS A 70 -0.74 -4.03 -5.71
N CYS A 71 -1.11 -5.13 -5.10
CA CYS A 71 -0.18 -5.80 -4.15
C CYS A 71 0.87 -6.63 -4.91
N PRO A 72 2.09 -6.60 -4.43
CA PRO A 72 3.17 -7.36 -5.09
C PRO A 72 3.01 -8.86 -4.86
N ASP A 73 2.26 -9.24 -3.85
CA ASP A 73 2.08 -10.69 -3.57
C ASP A 73 0.73 -11.17 -4.12
N CYS A 74 -0.20 -10.28 -4.30
CA CYS A 74 -1.52 -10.68 -4.84
C CYS A 74 -1.79 -10.04 -6.20
N GLY A 75 -1.82 -8.73 -6.25
CA GLY A 75 -2.07 -8.04 -7.55
C GLY A 75 -3.51 -7.57 -7.61
N ALA A 76 -4.04 -7.13 -6.50
CA ALA A 76 -5.45 -6.65 -6.48
C ALA A 76 -5.51 -5.15 -6.18
N THR A 77 -6.59 -4.51 -6.53
CA THR A 77 -6.70 -3.04 -6.26
C THR A 77 -6.73 -2.79 -4.76
N LYS A 78 -7.20 -1.63 -4.36
CA LYS A 78 -7.26 -1.32 -2.91
C LYS A 78 -8.30 -2.20 -2.19
N GLU A 79 -9.09 -2.93 -2.94
CA GLU A 79 -10.11 -3.80 -2.30
C GLU A 79 -9.48 -4.68 -1.21
N ASP A 80 -8.31 -5.20 -1.46
CA ASP A 80 -7.66 -6.06 -0.44
C ASP A 80 -6.84 -5.21 0.55
N TYR A 81 -6.57 -3.98 0.22
CA TYR A 81 -5.77 -3.13 1.14
C TYR A 81 -6.68 -2.33 2.08
N VAL A 82 -6.28 -2.20 3.31
CA VAL A 82 -7.10 -1.42 4.29
C VAL A 82 -6.18 -0.59 5.19
N LEU A 83 -6.74 0.36 5.90
CA LEU A 83 -5.91 1.22 6.78
C LEU A 83 -5.31 0.38 7.92
N TYR A 84 -4.00 0.38 8.03
CA TYR A 84 -3.35 -0.42 9.11
C TYR A 84 -3.53 0.28 10.46
N GLU A 85 -4.22 -0.36 11.36
CA GLU A 85 -4.43 0.26 12.71
C GLU A 85 -4.15 -0.76 13.82
N GLU A 86 -4.16 -0.31 15.04
CA GLU A 86 -3.89 -1.25 16.17
C GLU A 86 -5.00 -2.31 16.27
N LYS A 87 -5.08 -3.00 17.38
CA LYS A 87 -6.14 -4.04 17.53
C LYS A 87 -7.37 -3.44 18.22
CD CD B . -1.56 -8.88 -0.87
N ALA A 32 3.02 13.05 8.29
CA ALA A 32 3.34 11.64 8.61
C ALA A 32 2.92 10.72 7.46
N TYR A 33 3.26 9.46 7.53
CA TYR A 33 2.89 8.53 6.44
C TYR A 33 1.92 7.46 6.95
N LEU A 34 0.90 7.16 6.20
CA LEU A 34 -0.09 6.14 6.64
C LEU A 34 0.43 4.73 6.34
N LYS A 35 -0.17 3.73 6.93
CA LYS A 35 0.26 2.33 6.67
C LYS A 35 -0.96 1.44 6.45
N TRP A 36 -0.97 0.68 5.39
CA TRP A 36 -2.14 -0.21 5.13
C TRP A 36 -1.77 -1.66 5.40
N ILE A 37 -2.72 -2.55 5.33
CA ILE A 37 -2.42 -3.99 5.54
C ILE A 37 -3.20 -4.85 4.54
N CYS A 38 -2.53 -5.69 3.83
CA CYS A 38 -3.23 -6.58 2.86
C CYS A 38 -3.92 -7.71 3.61
N ILE A 39 -5.14 -7.50 4.05
CA ILE A 39 -5.86 -8.59 4.77
C ILE A 39 -5.78 -9.90 4.00
N THR A 40 -5.60 -9.80 2.71
CA THR A 40 -5.47 -11.03 1.88
C THR A 40 -4.14 -11.74 2.19
N CYS A 41 -3.14 -11.00 2.59
CA CYS A 41 -1.83 -11.63 2.88
C CYS A 41 -1.38 -11.33 4.31
N GLY A 42 -1.41 -10.07 4.70
CA GLY A 42 -1.00 -9.71 6.09
C GLY A 42 0.18 -8.73 6.04
N HIS A 43 0.71 -8.45 4.88
CA HIS A 43 1.86 -7.49 4.80
C HIS A 43 1.36 -6.05 4.97
N ILE A 44 2.07 -5.25 5.72
CA ILE A 44 1.64 -3.84 5.92
C ILE A 44 2.35 -2.92 4.91
N TYR A 45 1.62 -2.14 4.18
CA TYR A 45 2.25 -1.20 3.22
C TYR A 45 2.77 0.04 3.94
N ASP A 46 4.04 0.30 3.83
CA ASP A 46 4.62 1.50 4.52
C ASP A 46 4.76 2.65 3.51
N GLU A 47 3.89 3.62 3.60
CA GLU A 47 3.98 4.77 2.66
C GLU A 47 5.40 5.33 2.59
N ALA A 48 6.18 5.13 3.61
CA ALA A 48 7.59 5.62 3.60
C ALA A 48 8.53 4.57 3.01
N LEU A 49 7.99 3.61 2.31
CA LEU A 49 8.84 2.54 1.71
C LEU A 49 7.98 1.59 0.87
N GLY A 50 7.22 2.12 -0.04
CA GLY A 50 6.34 1.26 -0.88
C GLY A 50 7.18 0.30 -1.72
N ASP A 51 6.83 0.14 -2.97
CA ASP A 51 7.58 -0.80 -3.84
C ASP A 51 8.73 -0.06 -4.53
N GLU A 52 9.65 -0.80 -5.10
CA GLU A 52 10.80 -0.14 -5.80
C GLU A 52 10.64 -0.27 -7.31
N ALA A 53 9.92 -1.27 -7.76
CA ALA A 53 9.73 -1.44 -9.23
C ALA A 53 8.79 -0.35 -9.76
N GLU A 54 7.60 -0.27 -9.22
CA GLU A 54 6.64 0.77 -9.70
C GLU A 54 7.23 2.17 -9.48
N GLY A 55 8.18 2.29 -8.59
CA GLY A 55 8.79 3.62 -8.33
C GLY A 55 8.14 4.25 -7.10
N PHE A 56 7.66 3.44 -6.18
CA PHE A 56 7.00 4.00 -4.97
C PHE A 56 8.06 4.58 -4.02
N THR A 57 8.58 5.73 -4.33
CA THR A 57 9.60 6.35 -3.46
C THR A 57 9.03 6.61 -2.06
N PRO A 58 9.89 6.60 -1.08
CA PRO A 58 9.46 6.84 0.32
C PRO A 58 8.64 8.12 0.41
N GLY A 59 7.35 8.02 0.36
CA GLY A 59 6.49 9.25 0.44
C GLY A 59 5.17 9.01 -0.30
N THR A 60 5.14 8.06 -1.20
CA THR A 60 3.88 7.79 -1.95
C THR A 60 2.80 7.28 -1.02
N ARG A 61 1.64 7.87 -1.05
CA ARG A 61 0.53 7.41 -0.18
C ARG A 61 -0.63 6.87 -1.01
N PHE A 62 -1.31 5.87 -0.53
CA PHE A 62 -2.45 5.30 -1.30
C PHE A 62 -3.39 6.40 -1.80
N GLU A 63 -3.74 7.32 -0.95
CA GLU A 63 -4.64 8.43 -1.36
C GLU A 63 -4.11 9.07 -2.64
N ASP A 64 -2.81 9.14 -2.79
CA ASP A 64 -2.22 9.73 -4.02
C ASP A 64 -1.96 8.65 -5.06
N ILE A 65 -2.49 7.47 -4.86
CA ILE A 65 -2.25 6.37 -5.86
C ILE A 65 -3.58 5.94 -6.50
N PRO A 66 -4.21 6.85 -7.20
CA PRO A 66 -5.49 6.53 -7.86
C PRO A 66 -5.27 5.58 -9.03
N ASP A 67 -4.05 5.41 -9.47
CA ASP A 67 -3.77 4.51 -10.61
C ASP A 67 -4.23 3.08 -10.28
N ASP A 68 -3.71 2.10 -10.98
CA ASP A 68 -4.12 0.70 -10.71
C ASP A 68 -3.00 -0.06 -10.00
N TRP A 69 -2.32 0.57 -9.08
CA TRP A 69 -1.22 -0.13 -8.36
C TRP A 69 -1.76 -1.38 -7.67
N CYS A 70 -0.97 -2.42 -7.58
CA CYS A 70 -1.44 -3.66 -6.92
C CYS A 70 -0.35 -4.22 -6.00
N CYS A 71 -0.61 -5.34 -5.38
CA CYS A 71 0.41 -5.94 -4.48
C CYS A 71 1.60 -6.43 -5.30
N PRO A 72 2.77 -6.41 -4.70
CA PRO A 72 3.99 -6.84 -5.41
C PRO A 72 4.01 -8.35 -5.66
N ASP A 73 3.05 -9.07 -5.15
CA ASP A 73 3.04 -10.55 -5.35
C ASP A 73 1.63 -11.12 -5.22
N CYS A 74 0.63 -10.37 -5.58
CA CYS A 74 -0.77 -10.89 -5.48
C CYS A 74 -1.59 -10.43 -6.69
N GLY A 75 -1.70 -9.15 -6.88
CA GLY A 75 -2.49 -8.63 -8.04
C GLY A 75 -3.86 -8.16 -7.53
N ALA A 76 -3.94 -7.76 -6.29
CA ALA A 76 -5.24 -7.29 -5.75
C ALA A 76 -5.29 -5.75 -5.75
N THR A 77 -6.39 -5.19 -5.34
CA THR A 77 -6.49 -3.70 -5.32
C THR A 77 -6.62 -3.21 -3.88
N LYS A 78 -7.02 -1.98 -3.69
CA LYS A 78 -7.21 -1.45 -2.33
C LYS A 78 -8.13 -2.37 -1.53
N GLU A 79 -9.07 -2.99 -2.19
CA GLU A 79 -10.00 -3.91 -1.49
C GLU A 79 -9.22 -4.89 -0.59
N ASP A 80 -8.04 -5.27 -1.00
CA ASP A 80 -7.22 -6.20 -0.17
C ASP A 80 -6.43 -5.38 0.86
N TYR A 81 -6.15 -4.15 0.56
CA TYR A 81 -5.40 -3.29 1.51
C TYR A 81 -6.37 -2.52 2.41
N VAL A 82 -6.19 -2.59 3.70
CA VAL A 82 -7.08 -1.86 4.63
C VAL A 82 -6.30 -0.84 5.46
N LEU A 83 -6.96 0.12 6.02
CA LEU A 83 -6.24 1.14 6.83
C LEU A 83 -5.89 0.56 8.21
N TYR A 84 -4.66 0.20 8.41
CA TYR A 84 -4.25 -0.40 9.71
C TYR A 84 -4.52 0.58 10.85
N GLU A 85 -5.60 0.40 11.55
CA GLU A 85 -5.92 1.32 12.69
C GLU A 85 -5.82 2.79 12.26
N GLU A 86 -6.84 3.30 11.63
CA GLU A 86 -6.79 4.72 11.19
C GLU A 86 -6.87 5.65 12.41
N LYS A 87 -6.59 6.91 12.23
CA LYS A 87 -6.65 7.85 13.38
C LYS A 87 -7.91 8.72 13.30
CD CD B . -1.17 -9.12 -0.99
#